data_5S7Q
#
_entry.id   5S7Q
#
_cell.length_a   127.603
_cell.length_b   84.566
_cell.length_c   88.455
_cell.angle_alpha   90.000
_cell.angle_beta   131.330
_cell.angle_gamma   90.000
#
_symmetry.space_group_name_H-M   'C 1 2 1'
#
loop_
_entity.id
_entity.type
_entity.pdbx_description
1 polymer 'Activin receptor type-1'
2 non-polymer 4-methyl-3-[4-(1-methylpiperidin-4-yl)phenyl]-5-(3,4,5-trimethoxyphenyl)pyridine
3 non-polymer 1,2-ETHANEDIOL
4 non-polymer 'DIMETHYL SULFOXIDE'
5 non-polymer 'SULFATE ION'
6 non-polymer 5-methyl-1H-tetrazole
7 water water
#
_entity_poly.entity_id   1
_entity_poly.type   'polypeptide(L)'
_entity_poly.pdbx_seq_one_letter_code
;SMQRTVARDITLLECVGKGRYGEVWRGSWQGENVAVKIFSSRDEKSWFRETELYNTVMLRHENILGFIASDMTSRHSSTQ
LWLITHYHEMGSLYDYLQLTTLDTVSCLRIVLSIASGLAHLHIEIFGTQGKPAIAHRDLKSKNILVKKNGQCCIADLGLA
VMHSQSTNQLDVGNNPRVGTKRYMAPEVLDETIQVDCFDSYKRVDIWAFGLVLWEVARRMVSNGIVEDYKPPFYDVVPND
PSFEDMRKVVCVDQQRPNIPNRWFSDPTLTSLAKLMKECWYQNPSARLTALRIKKTLTKID
;
_entity_poly.pdbx_strand_id   A,B
#
loop_
_chem_comp.id
_chem_comp.type
_chem_comp.name
_chem_comp.formula
DMS non-polymer 'DIMETHYL SULFOXIDE' 'C2 H6 O S'
EDO non-polymer 1,2-ETHANEDIOL 'C2 H6 O2'
LU8 non-polymer 4-methyl-3-[4-(1-methylpiperidin-4-yl)phenyl]-5-(3,4,5-trimethoxyphenyl)pyridine 'C27 H32 N2 O3'
SO4 non-polymer 'SULFATE ION' 'O4 S -2'
XJM non-polymer 5-methyl-1H-tetrazole 'C2 H4 N4'
#
# COMPACT_ATOMS: atom_id res chain seq x y z
N ARG A 4 1.30 4.39 -42.84
CA ARG A 4 0.81 3.72 -41.59
C ARG A 4 -0.68 4.06 -41.39
N THR A 5 -1.54 3.05 -41.43
CA THR A 5 -3.02 3.17 -41.29
C THR A 5 -3.33 3.34 -39.80
N VAL A 6 -4.31 4.18 -39.46
CA VAL A 6 -4.87 4.33 -38.09
C VAL A 6 -6.38 4.01 -38.15
N ALA A 7 -6.72 2.75 -37.86
CA ALA A 7 -8.11 2.23 -37.85
C ALA A 7 -8.82 2.84 -36.64
N ARG A 8 -9.62 3.88 -36.87
CA ARG A 8 -10.42 4.58 -35.85
C ARG A 8 -11.87 4.10 -35.96
N ASP A 9 -12.18 3.34 -37.01
CA ASP A 9 -13.55 2.82 -37.24
C ASP A 9 -13.96 2.04 -35.98
N ILE A 10 -14.97 2.54 -35.27
CA ILE A 10 -15.64 1.78 -34.17
C ILE A 10 -17.04 1.47 -34.67
N THR A 11 -17.38 0.20 -34.84
CA THR A 11 -18.79 -0.20 -35.04
C THR A 11 -19.50 -0.06 -33.70
N LEU A 12 -20.69 0.54 -33.73
CA LEU A 12 -21.69 0.53 -32.64
C LEU A 12 -22.64 -0.61 -32.92
N LEU A 13 -22.77 -1.57 -32.01
CA LEU A 13 -23.48 -2.84 -32.30
C LEU A 13 -24.82 -2.88 -31.58
N GLU A 14 -24.85 -2.62 -30.27
CA GLU A 14 -26.12 -2.55 -29.50
C GLU A 14 -26.02 -1.50 -28.39
N CYS A 15 -27.13 -0.81 -28.13
CA CYS A 15 -27.25 0.19 -27.06
C CYS A 15 -27.56 -0.55 -25.75
N VAL A 16 -26.67 -0.44 -24.77
CA VAL A 16 -26.77 -1.16 -23.46
C VAL A 16 -27.16 -0.18 -22.36
N GLY A 17 -27.32 1.10 -22.67
CA GLY A 17 -27.76 2.11 -21.69
C GLY A 17 -28.14 3.41 -22.37
N LYS A 18 -29.13 4.10 -21.81
CA LYS A 18 -29.71 5.37 -22.33
C LYS A 18 -30.18 6.16 -21.11
N GLY A 19 -30.24 7.49 -21.20
CA GLY A 19 -30.54 8.35 -20.05
C GLY A 19 -30.12 9.78 -20.27
N ARG A 20 -30.25 10.61 -19.24
CA ARG A 20 -29.90 12.05 -19.29
C ARG A 20 -28.44 12.19 -19.73
N TYR A 21 -27.53 11.35 -19.23
CA TYR A 21 -26.06 11.38 -19.49
C TYR A 21 -25.80 11.23 -21.01
N GLY A 22 -26.76 10.69 -21.75
CA GLY A 22 -26.59 10.19 -23.14
C GLY A 22 -26.80 8.69 -23.20
N GLU A 23 -25.96 7.97 -23.96
CA GLU A 23 -26.14 6.52 -24.26
C GLU A 23 -24.82 5.77 -24.11
N VAL A 24 -24.89 4.48 -23.74
CA VAL A 24 -23.73 3.53 -23.84
C VAL A 24 -24.07 2.43 -24.83
N TRP A 25 -23.10 2.15 -25.69
CA TRP A 25 -23.16 1.12 -26.75
C TRP A 25 -22.08 0.08 -26.52
N ARG A 26 -22.42 -1.19 -26.74
CA ARG A 26 -21.42 -2.24 -27.06
C ARG A 26 -20.93 -1.92 -28.47
N GLY A 27 -19.63 -1.80 -28.62
CA GLY A 27 -19.01 -1.57 -29.93
C GLY A 27 -17.92 -2.57 -30.18
N SER A 28 -17.36 -2.55 -31.38
CA SER A 28 -16.16 -3.35 -31.72
C SER A 28 -15.17 -2.43 -32.39
N TRP A 29 -13.92 -2.68 -32.08
CA TRP A 29 -12.75 -2.08 -32.77
C TRP A 29 -11.80 -3.22 -33.08
N GLN A 30 -11.74 -3.67 -34.34
CA GLN A 30 -10.85 -4.79 -34.74
C GLN A 30 -11.27 -6.04 -33.98
N GLY A 31 -12.53 -6.48 -34.17
CA GLY A 31 -13.11 -7.68 -33.55
C GLY A 31 -13.33 -7.54 -32.03
N GLU A 32 -12.63 -6.61 -31.38
CA GLU A 32 -12.51 -6.45 -29.90
C GLU A 32 -13.67 -5.62 -29.36
N ASN A 33 -14.43 -6.16 -28.40
CA ASN A 33 -15.56 -5.44 -27.76
C ASN A 33 -15.02 -4.21 -27.04
N VAL A 34 -15.68 -3.08 -27.24
CA VAL A 34 -15.43 -1.84 -26.48
C VAL A 34 -16.78 -1.33 -25.99
N ALA A 35 -16.77 -0.50 -24.96
CA ALA A 35 -17.97 0.25 -24.53
C ALA A 35 -17.78 1.69 -25.01
N VAL A 36 -18.80 2.27 -25.64
CA VAL A 36 -18.79 3.67 -26.15
C VAL A 36 -19.88 4.46 -25.43
N LYS A 37 -19.47 5.39 -24.59
CA LYS A 37 -20.39 6.35 -23.96
C LYS A 37 -20.45 7.58 -24.86
N ILE A 38 -21.63 7.84 -25.41
CA ILE A 38 -21.92 8.98 -26.30
C ILE A 38 -22.62 10.01 -25.44
N PHE A 39 -21.98 11.14 -25.19
CA PHE A 39 -22.49 12.13 -24.22
C PHE A 39 -23.56 13.00 -24.87
N SER A 40 -24.59 13.27 -24.09
CA SER A 40 -25.57 14.34 -24.35
C SER A 40 -24.87 15.70 -24.20
N SER A 41 -25.32 16.72 -24.95
CA SER A 41 -24.90 18.13 -24.78
C SER A 41 -24.98 18.51 -23.30
N ARG A 42 -25.96 17.98 -22.59
CA ARG A 42 -26.29 18.30 -21.18
C ARG A 42 -25.10 17.87 -20.31
N ASP A 43 -24.44 16.77 -20.67
CA ASP A 43 -23.44 16.06 -19.82
C ASP A 43 -22.01 16.26 -20.37
N GLU A 44 -21.78 17.23 -21.27
CA GLU A 44 -20.46 17.37 -21.94
C GLU A 44 -19.39 17.63 -20.88
N LYS A 45 -19.73 18.28 -19.77
CA LYS A 45 -18.72 18.56 -18.72
C LYS A 45 -18.12 17.26 -18.18
N SER A 46 -18.89 16.18 -18.10
CA SER A 46 -18.40 14.86 -17.61
C SER A 46 -17.33 14.30 -18.57
N TRP A 47 -17.50 14.46 -19.87
CA TRP A 47 -16.48 14.06 -20.89
C TRP A 47 -15.18 14.85 -20.69
N PHE A 48 -15.28 16.17 -20.54
CA PHE A 48 -14.12 17.05 -20.30
C PHE A 48 -13.45 16.68 -18.98
N ARG A 49 -14.20 16.47 -17.89
CA ARG A 49 -13.56 16.17 -16.56
C ARG A 49 -12.79 14.83 -16.63
N GLU A 50 -13.40 13.79 -17.18
CA GLU A 50 -12.79 12.45 -17.28
C GLU A 50 -11.60 12.50 -18.24
N THR A 51 -11.72 13.17 -19.39
CA THR A 51 -10.59 13.36 -20.35
C THR A 51 -9.43 14.09 -19.61
N GLU A 52 -9.71 15.19 -18.91
CA GLU A 52 -8.64 15.97 -18.24
C GLU A 52 -7.93 15.09 -17.22
N LEU A 53 -8.70 14.28 -16.50
CA LEU A 53 -8.16 13.35 -15.47
C LEU A 53 -7.17 12.35 -16.12
N TYR A 54 -7.60 11.71 -17.18
CA TYR A 54 -6.82 10.67 -17.91
C TYR A 54 -5.65 11.32 -18.67
N ASN A 55 -5.76 12.60 -19.03
CA ASN A 55 -4.66 13.38 -19.65
C ASN A 55 -3.64 13.72 -18.55
N THR A 56 -4.04 13.73 -17.28
CA THR A 56 -3.16 14.01 -16.12
C THR A 56 -2.53 12.70 -15.61
N VAL A 57 -3.32 11.68 -15.38
CA VAL A 57 -2.83 10.35 -14.88
C VAL A 57 -3.55 9.25 -15.68
N MET A 58 -2.79 8.38 -16.34
CA MET A 58 -3.38 7.22 -17.06
C MET A 58 -3.61 6.10 -16.03
N LEU A 59 -4.71 6.18 -15.30
CA LEU A 59 -5.09 5.13 -14.31
C LEU A 59 -5.14 3.76 -14.98
N ARG A 60 -4.50 2.79 -14.35
CA ARG A 60 -4.50 1.37 -14.78
C ARG A 60 -4.61 0.53 -13.52
N HIS A 61 -5.78 -0.04 -13.32
CA HIS A 61 -6.08 -0.84 -12.11
C HIS A 61 -7.17 -1.83 -12.46
N GLU A 62 -7.03 -3.06 -11.98
CA GLU A 62 -8.00 -4.14 -12.29
C GLU A 62 -9.42 -3.78 -11.79
N ASN A 63 -9.58 -2.85 -10.83
CA ASN A 63 -10.88 -2.51 -10.22
C ASN A 63 -11.33 -1.09 -10.62
N ILE A 64 -10.70 -0.52 -11.65
N ILE A 64 -10.73 -0.52 -11.66
CA ILE A 64 -11.09 0.76 -12.32
CA ILE A 64 -11.17 0.76 -12.29
C ILE A 64 -11.44 0.40 -13.77
C ILE A 64 -11.39 0.51 -13.77
N LEU A 65 -12.56 0.89 -14.27
CA LEU A 65 -12.97 0.60 -15.67
C LEU A 65 -11.84 1.04 -16.62
N GLY A 66 -11.42 0.17 -17.53
CA GLY A 66 -10.22 0.38 -18.35
C GLY A 66 -10.44 1.46 -19.41
N PHE A 67 -9.68 2.54 -19.36
CA PHE A 67 -9.73 3.60 -20.40
C PHE A 67 -9.14 3.09 -21.71
N ILE A 68 -9.81 3.39 -22.82
CA ILE A 68 -9.25 3.20 -24.17
C ILE A 68 -9.07 4.57 -24.86
N ALA A 69 -10.11 5.40 -24.96
CA ALA A 69 -10.03 6.64 -25.77
C ALA A 69 -11.06 7.67 -25.33
N SER A 70 -10.70 8.94 -25.48
CA SER A 70 -11.61 10.10 -25.53
C SER A 70 -11.54 10.66 -26.95
N ASP A 71 -12.68 10.74 -27.60
CA ASP A 71 -12.81 11.15 -29.00
C ASP A 71 -13.78 12.33 -29.06
N MET A 72 -13.35 13.42 -29.68
CA MET A 72 -14.20 14.55 -30.10
C MET A 72 -14.21 14.60 -31.64
N THR A 73 -15.40 14.60 -32.22
CA THR A 73 -15.62 14.66 -33.69
C THR A 73 -16.54 15.86 -33.98
N SER A 74 -16.23 16.60 -35.05
CA SER A 74 -17.05 17.70 -35.62
C SER A 74 -18.15 17.07 -36.50
N ARG A 75 -19.40 17.53 -36.41
CA ARG A 75 -20.49 17.16 -37.37
C ARG A 75 -21.19 18.43 -37.84
N HIS A 76 -22.21 18.31 -38.70
CA HIS A 76 -23.04 19.45 -39.20
C HIS A 76 -23.55 20.30 -38.02
N SER A 78 -22.46 20.42 -35.09
CA SER A 78 -22.30 20.21 -33.62
C SER A 78 -21.16 19.24 -33.34
N THR A 79 -20.77 19.11 -32.07
CA THR A 79 -19.64 18.26 -31.60
C THR A 79 -20.17 16.96 -30.99
N GLN A 80 -19.67 15.79 -31.40
CA GLN A 80 -19.95 14.49 -30.74
C GLN A 80 -18.79 14.17 -29.79
N LEU A 81 -19.09 13.81 -28.54
CA LEU A 81 -18.10 13.41 -27.51
C LEU A 81 -18.34 11.95 -27.14
N TRP A 82 -17.35 11.09 -27.41
CA TRP A 82 -17.35 9.64 -27.10
C TRP A 82 -16.28 9.36 -26.05
N LEU A 83 -16.62 8.54 -25.05
CA LEU A 83 -15.59 7.94 -24.16
C LEU A 83 -15.60 6.45 -24.47
N ILE A 84 -14.42 5.88 -24.75
CA ILE A 84 -14.31 4.44 -25.13
C ILE A 84 -13.54 3.74 -24.02
N THR A 85 -14.13 2.67 -23.50
CA THR A 85 -13.54 1.83 -22.44
C THR A 85 -13.64 0.34 -22.81
N HIS A 86 -13.00 -0.47 -22.00
CA HIS A 86 -13.23 -1.93 -21.95
C HIS A 86 -14.72 -2.18 -21.73
N TYR A 87 -15.19 -3.30 -22.26
CA TYR A 87 -16.60 -3.74 -22.22
C TYR A 87 -16.74 -4.85 -21.19
N HIS A 88 -17.71 -4.76 -20.27
CA HIS A 88 -17.98 -5.81 -19.26
C HIS A 88 -19.39 -6.36 -19.50
N GLU A 89 -19.48 -7.50 -20.20
CA GLU A 89 -20.77 -8.02 -20.72
C GLU A 89 -21.74 -8.31 -19.57
N MET A 90 -21.24 -8.56 -18.36
CA MET A 90 -22.14 -8.89 -17.24
C MET A 90 -22.85 -7.65 -16.72
N GLY A 91 -22.39 -6.45 -17.08
CA GLY A 91 -23.12 -5.19 -16.81
C GLY A 91 -22.83 -4.64 -15.42
N SER A 92 -23.71 -3.81 -14.90
CA SER A 92 -23.48 -3.11 -13.62
C SER A 92 -23.81 -4.04 -12.44
N LEU A 93 -23.20 -3.77 -11.32
CA LEU A 93 -23.50 -4.45 -10.05
C LEU A 93 -25.00 -4.28 -9.74
N TYR A 94 -25.55 -3.09 -10.01
CA TYR A 94 -26.98 -2.80 -9.79
C TYR A 94 -27.84 -3.83 -10.49
N ASP A 95 -27.61 -4.07 -11.79
N ASP A 95 -27.57 -4.05 -11.79
CA ASP A 95 -28.43 -5.02 -12.59
CA ASP A 95 -28.33 -4.99 -12.68
C ASP A 95 -28.11 -6.46 -12.15
C ASP A 95 -28.08 -6.43 -12.19
N TYR A 96 -26.84 -6.75 -11.83
CA TYR A 96 -26.37 -8.10 -11.45
C TYR A 96 -27.03 -8.56 -10.14
N LEU A 97 -27.08 -7.68 -9.14
CA LEU A 97 -27.72 -8.01 -7.83
C LEU A 97 -29.21 -8.29 -8.00
N GLN A 98 -29.85 -7.83 -9.08
CA GLN A 98 -31.30 -8.01 -9.26
C GLN A 98 -31.61 -9.50 -9.47
N LEU A 99 -30.79 -10.21 -10.25
CA LEU A 99 -31.16 -11.58 -10.72
C LEU A 99 -30.15 -12.61 -10.24
N THR A 100 -29.35 -12.26 -9.23
CA THR A 100 -28.37 -13.17 -8.63
C THR A 100 -28.29 -13.00 -7.11
N THR A 101 -28.19 -14.12 -6.41
CA THR A 101 -27.79 -14.17 -4.98
C THR A 101 -26.31 -14.53 -4.93
N LEU A 102 -25.70 -14.30 -3.79
CA LEU A 102 -24.23 -14.42 -3.58
C LEU A 102 -24.02 -15.44 -2.47
N ASP A 103 -22.89 -16.14 -2.51
CA ASP A 103 -22.36 -16.86 -1.33
C ASP A 103 -21.26 -15.99 -0.73
N THR A 104 -20.67 -16.46 0.36
CA THR A 104 -19.72 -15.71 1.20
C THR A 104 -18.51 -15.33 0.34
N VAL A 105 -18.00 -16.26 -0.45
CA VAL A 105 -16.78 -15.98 -1.25
C VAL A 105 -17.07 -14.88 -2.30
N SER A 106 -18.19 -15.00 -3.04
N SER A 106 -18.20 -14.96 -3.01
CA SER A 106 -18.59 -14.07 -4.13
CA SER A 106 -18.54 -14.04 -4.13
C SER A 106 -18.83 -12.68 -3.55
C SER A 106 -18.87 -12.66 -3.57
N CYS A 107 -19.55 -12.62 -2.42
CA CYS A 107 -19.90 -11.38 -1.70
C CYS A 107 -18.61 -10.68 -1.29
N LEU A 108 -17.70 -11.37 -0.63
CA LEU A 108 -16.46 -10.71 -0.16
C LEU A 108 -15.61 -10.27 -1.37
N ARG A 109 -15.60 -11.06 -2.44
CA ARG A 109 -14.78 -10.79 -3.64
C ARG A 109 -15.29 -9.50 -4.29
N ILE A 110 -16.60 -9.33 -4.34
CA ILE A 110 -17.25 -8.11 -4.90
C ILE A 110 -16.83 -6.92 -4.05
N VAL A 111 -17.01 -6.97 -2.74
CA VAL A 111 -16.82 -5.74 -1.91
C VAL A 111 -15.33 -5.47 -1.71
N LEU A 112 -14.49 -6.49 -1.62
CA LEU A 112 -13.04 -6.22 -1.53
C LEU A 112 -12.55 -5.60 -2.86
N SER A 113 -13.08 -6.04 -4.01
CA SER A 113 -12.63 -5.54 -5.33
C SER A 113 -13.03 -4.05 -5.43
N ILE A 114 -14.21 -3.70 -4.94
CA ILE A 114 -14.67 -2.29 -4.93
C ILE A 114 -13.78 -1.47 -3.98
N ALA A 115 -13.49 -1.98 -2.79
CA ALA A 115 -12.60 -1.28 -1.82
C ALA A 115 -11.22 -1.04 -2.45
N SER A 116 -10.68 -2.04 -3.13
N SER A 116 -10.66 -2.04 -3.14
CA SER A 116 -9.34 -1.97 -3.78
CA SER A 116 -9.32 -1.97 -3.78
C SER A 116 -9.35 -0.86 -4.84
C SER A 116 -9.32 -0.89 -4.87
N GLY A 117 -10.33 -0.87 -5.73
CA GLY A 117 -10.50 0.21 -6.72
C GLY A 117 -10.60 1.58 -6.04
N LEU A 118 -11.36 1.68 -4.94
CA LEU A 118 -11.61 2.99 -4.31
C LEU A 118 -10.34 3.46 -3.59
N ALA A 119 -9.64 2.57 -2.89
CA ALA A 119 -8.38 2.94 -2.19
C ALA A 119 -7.38 3.40 -3.24
N HIS A 120 -7.38 2.75 -4.40
CA HIS A 120 -6.46 3.15 -5.50
C HIS A 120 -6.84 4.56 -5.99
N LEU A 121 -8.11 4.88 -6.16
CA LEU A 121 -8.54 6.24 -6.54
C LEU A 121 -8.04 7.22 -5.48
N HIS A 122 -8.28 6.93 -4.21
CA HIS A 122 -8.09 7.88 -3.08
C HIS A 122 -6.61 8.15 -2.80
N ILE A 123 -5.72 7.20 -3.06
CA ILE A 123 -4.31 7.29 -2.56
C ILE A 123 -3.53 8.25 -3.48
N GLU A 124 -2.81 9.20 -2.89
CA GLU A 124 -1.78 10.01 -3.59
C GLU A 124 -0.51 9.15 -3.70
N ILE A 125 0.06 9.03 -4.90
CA ILE A 125 1.40 8.41 -5.10
C ILE A 125 2.34 9.47 -5.69
N PHE A 126 3.50 9.67 -5.06
CA PHE A 126 4.57 10.59 -5.53
C PHE A 126 5.47 9.85 -6.52
N GLY A 127 6.10 10.59 -7.45
CA GLY A 127 7.12 10.06 -8.37
C GLY A 127 7.19 10.85 -9.66
N GLY A 130 3.43 7.93 -10.55
CA GLY A 130 2.53 8.24 -9.41
C GLY A 130 1.16 8.74 -9.86
N LYS A 131 0.42 9.36 -8.95
CA LYS A 131 -0.95 9.86 -9.20
C LYS A 131 -1.37 10.82 -8.09
N PRO A 132 -2.23 11.81 -8.42
CA PRO A 132 -2.89 12.61 -7.40
C PRO A 132 -3.96 11.74 -6.73
N ALA A 133 -4.34 12.08 -5.51
CA ALA A 133 -5.55 11.54 -4.85
C ALA A 133 -6.74 11.94 -5.72
N ILE A 134 -7.68 11.02 -5.86
CA ILE A 134 -8.91 11.18 -6.67
C ILE A 134 -10.10 10.78 -5.80
N ALA A 135 -11.13 11.61 -5.77
CA ALA A 135 -12.43 11.25 -5.20
C ALA A 135 -13.41 11.09 -6.36
N HIS A 136 -14.30 10.13 -6.24
CA HIS A 136 -15.21 9.69 -7.32
C HIS A 136 -16.40 10.65 -7.44
N ARG A 137 -17.09 10.84 -6.31
CA ARG A 137 -18.19 11.81 -6.07
C ARG A 137 -19.51 11.28 -6.62
N ASP A 138 -19.56 10.10 -7.24
CA ASP A 138 -20.85 9.48 -7.63
C ASP A 138 -20.79 7.95 -7.54
N LEU A 139 -20.19 7.44 -6.46
CA LEU A 139 -20.12 5.98 -6.20
C LEU A 139 -21.55 5.44 -5.93
N LYS A 140 -21.92 4.41 -6.66
CA LYS A 140 -23.20 3.70 -6.49
C LYS A 140 -23.13 2.40 -7.30
N SER A 141 -24.08 1.50 -7.12
CA SER A 141 -24.02 0.16 -7.74
C SER A 141 -24.18 0.27 -9.27
N LYS A 142 -24.86 1.30 -9.76
CA LYS A 142 -24.94 1.53 -11.22
C LYS A 142 -23.58 1.97 -11.77
N ASN A 143 -22.66 2.46 -10.94
CA ASN A 143 -21.35 2.94 -11.46
C ASN A 143 -20.28 1.91 -11.12
N ILE A 144 -20.71 0.67 -10.91
CA ILE A 144 -19.77 -0.45 -10.65
C ILE A 144 -20.11 -1.53 -11.65
N LEU A 145 -19.11 -2.06 -12.36
CA LEU A 145 -19.31 -3.12 -13.38
CA LEU A 145 -19.34 -3.13 -13.36
C LEU A 145 -18.78 -4.46 -12.84
N VAL A 146 -19.44 -5.53 -13.20
CA VAL A 146 -19.08 -6.90 -12.75
C VAL A 146 -18.26 -7.56 -13.85
N LYS A 147 -17.13 -8.14 -13.48
CA LYS A 147 -16.22 -8.87 -14.40
C LYS A 147 -16.45 -10.38 -14.25
N LYS A 148 -16.09 -11.12 -15.31
CA LYS A 148 -16.30 -12.59 -15.36
C LYS A 148 -15.47 -13.29 -14.27
N ASN A 149 -14.39 -12.70 -13.80
CA ASN A 149 -13.57 -13.30 -12.70
C ASN A 149 -14.19 -13.02 -11.31
N GLY A 150 -15.35 -12.38 -11.26
CA GLY A 150 -16.09 -12.19 -9.99
C GLY A 150 -15.62 -10.97 -9.23
N GLN A 151 -14.64 -10.23 -9.76
CA GLN A 151 -14.25 -8.89 -9.24
C GLN A 151 -15.08 -7.84 -9.99
N CYS A 152 -15.25 -6.68 -9.36
CA CYS A 152 -15.88 -5.48 -9.95
C CYS A 152 -14.83 -4.45 -10.37
N CYS A 153 -15.26 -3.48 -11.18
CA CYS A 153 -14.48 -2.26 -11.44
C CYS A 153 -15.42 -1.04 -11.35
N ILE A 154 -14.87 0.00 -10.75
CA ILE A 154 -15.52 1.31 -10.58
C ILE A 154 -15.43 2.06 -11.90
N ALA A 155 -16.55 2.62 -12.30
CA ALA A 155 -16.75 3.35 -13.57
C ALA A 155 -17.23 4.77 -13.31
N ASP A 156 -17.12 5.57 -14.36
CA ASP A 156 -17.68 6.93 -14.48
C ASP A 156 -16.90 7.87 -13.56
N LEU A 157 -15.83 8.46 -14.10
CA LEU A 157 -15.04 9.50 -13.40
C LEU A 157 -15.46 10.90 -13.88
N GLY A 158 -16.66 11.03 -14.45
CA GLY A 158 -17.26 12.30 -14.92
C GLY A 158 -17.34 13.37 -13.85
N LEU A 159 -17.46 13.02 -12.56
CA LEU A 159 -17.57 14.03 -11.46
C LEU A 159 -16.31 14.00 -10.61
N ALA A 160 -15.33 13.16 -10.97
CA ALA A 160 -14.14 12.92 -10.13
C ALA A 160 -13.39 14.22 -9.93
N VAL A 161 -12.72 14.35 -8.80
CA VAL A 161 -11.90 15.54 -8.44
C VAL A 161 -10.52 15.04 -8.03
N MET A 162 -9.48 15.72 -8.52
CA MET A 162 -8.04 15.41 -8.29
C MET A 162 -7.48 16.34 -7.21
N HIS A 163 -6.62 15.84 -6.34
CA HIS A 163 -5.83 16.63 -5.35
C HIS A 163 -4.37 16.15 -5.40
N ARG A 177 -23.54 18.95 -12.79
CA ARG A 177 -24.07 17.78 -12.05
C ARG A 177 -23.47 17.73 -10.63
N VAL A 178 -24.19 17.06 -9.71
CA VAL A 178 -23.78 16.68 -8.33
C VAL A 178 -23.95 15.17 -8.27
N GLY A 179 -23.63 14.55 -7.14
CA GLY A 179 -23.81 13.11 -6.97
C GLY A 179 -25.28 12.70 -7.02
N THR A 180 -25.53 11.40 -7.16
CA THR A 180 -26.89 10.78 -7.04
C THR A 180 -27.39 11.06 -5.63
N LYS A 181 -28.58 11.64 -5.51
CA LYS A 181 -29.11 12.17 -4.23
CA LYS A 181 -29.11 12.18 -4.23
C LYS A 181 -29.25 11.05 -3.19
N ARG A 182 -29.76 9.89 -3.61
CA ARG A 182 -29.97 8.69 -2.75
C ARG A 182 -28.68 8.33 -1.99
N TYR A 183 -27.51 8.54 -2.61
CA TYR A 183 -26.20 8.15 -2.03
C TYR A 183 -25.46 9.32 -1.38
N MET A 184 -26.07 10.51 -1.27
CA MET A 184 -25.36 11.67 -0.68
C MET A 184 -25.18 11.51 0.82
N ALA A 185 -23.96 11.77 1.26
CA ALA A 185 -23.59 11.80 2.68
C ALA A 185 -24.29 12.97 3.38
N PRO A 186 -24.49 12.87 4.71
CA PRO A 186 -25.16 13.90 5.50
C PRO A 186 -24.59 15.30 5.23
N GLU A 187 -23.26 15.45 5.22
CA GLU A 187 -22.55 16.75 5.07
C GLU A 187 -22.81 17.37 3.68
N VAL A 188 -23.10 16.55 2.67
CA VAL A 188 -23.50 17.02 1.31
C VAL A 188 -24.95 17.49 1.40
N LEU A 189 -25.82 16.74 2.08
CA LEU A 189 -27.26 17.10 2.16
C LEU A 189 -27.48 18.35 3.03
N ASP A 190 -26.74 18.53 4.11
CA ASP A 190 -26.92 19.68 5.02
C ASP A 190 -25.92 20.80 4.71
N GLU A 191 -25.13 20.61 3.65
CA GLU A 191 -24.26 21.65 3.05
C GLU A 191 -23.18 22.09 4.05
N THR A 192 -22.75 21.18 4.93
CA THR A 192 -21.62 21.43 5.88
C THR A 192 -20.31 20.79 5.40
N ILE A 193 -20.29 20.14 4.24
CA ILE A 193 -19.04 19.56 3.70
C ILE A 193 -17.94 20.64 3.74
N GLN A 194 -16.81 20.34 4.37
CA GLN A 194 -15.62 21.24 4.41
C GLN A 194 -14.93 21.19 3.04
N VAL A 195 -15.32 22.10 2.15
CA VAL A 195 -15.06 22.05 0.68
C VAL A 195 -13.56 22.29 0.37
N ASP A 196 -12.79 22.83 1.33
CA ASP A 196 -11.35 23.18 1.16
C ASP A 196 -10.45 22.07 1.72
N CYS A 197 -11.03 20.98 2.23
CA CYS A 197 -10.29 19.78 2.72
C CYS A 197 -10.56 18.63 1.76
N PHE A 198 -9.53 18.13 1.08
CA PHE A 198 -9.73 17.09 0.05
C PHE A 198 -10.29 15.80 0.69
N ASP A 199 -9.90 15.51 1.93
CA ASP A 199 -10.33 14.32 2.70
C ASP A 199 -11.86 14.32 2.76
N SER A 200 -12.52 15.47 2.66
CA SER A 200 -14.00 15.57 2.76
C SER A 200 -14.61 14.77 1.61
N TYR A 201 -13.99 14.80 0.43
CA TYR A 201 -14.51 14.14 -0.79
C TYR A 201 -14.34 12.63 -0.66
N LYS A 202 -13.23 12.22 -0.03
N LYS A 202 -13.22 12.21 -0.06
CA LYS A 202 -12.92 10.79 0.26
CA LYS A 202 -12.93 10.79 0.26
C LYS A 202 -13.96 10.26 1.25
C LYS A 202 -14.04 10.30 1.20
N ARG A 203 -14.31 11.05 2.28
CA ARG A 203 -15.31 10.66 3.29
C ARG A 203 -16.69 10.52 2.65
N VAL A 204 -17.01 11.34 1.65
CA VAL A 204 -18.31 11.27 0.93
C VAL A 204 -18.35 9.97 0.15
N ASP A 205 -17.25 9.59 -0.48
CA ASP A 205 -17.17 8.31 -1.21
C ASP A 205 -17.38 7.16 -0.22
N ILE A 206 -16.80 7.25 0.96
CA ILE A 206 -16.85 6.13 1.92
C ILE A 206 -18.30 5.89 2.37
N TRP A 207 -19.03 6.96 2.63
CA TRP A 207 -20.48 6.89 2.94
C TRP A 207 -21.19 6.11 1.85
N ALA A 208 -20.93 6.46 0.60
CA ALA A 208 -21.57 5.86 -0.59
C ALA A 208 -21.10 4.41 -0.67
N PHE A 209 -19.84 4.14 -0.32
CA PHE A 209 -19.33 2.75 -0.34
C PHE A 209 -20.09 1.92 0.69
N GLY A 210 -20.35 2.50 1.85
CA GLY A 210 -21.14 1.86 2.91
C GLY A 210 -22.51 1.40 2.38
N LEU A 211 -23.19 2.29 1.68
CA LEU A 211 -24.53 1.96 1.10
C LEU A 211 -24.38 0.83 0.07
N VAL A 212 -23.29 0.83 -0.71
CA VAL A 212 -23.08 -0.21 -1.76
C VAL A 212 -22.91 -1.56 -1.05
N LEU A 213 -22.11 -1.56 0.00
CA LEU A 213 -21.83 -2.74 0.85
C LEU A 213 -23.16 -3.34 1.32
N TRP A 214 -24.07 -2.49 1.80
CA TRP A 214 -25.39 -2.88 2.32
C TRP A 214 -26.20 -3.51 1.17
N GLU A 215 -26.15 -2.92 -0.02
CA GLU A 215 -26.92 -3.42 -1.20
C GLU A 215 -26.46 -4.85 -1.53
N VAL A 216 -25.16 -5.09 -1.43
CA VAL A 216 -24.51 -6.39 -1.81
C VAL A 216 -24.78 -7.40 -0.69
N ALA A 217 -24.50 -7.03 0.56
CA ALA A 217 -24.67 -7.94 1.72
C ALA A 217 -26.11 -8.49 1.77
N ARG A 218 -27.12 -7.71 1.40
CA ARG A 218 -28.54 -8.18 1.35
C ARG A 218 -28.67 -9.42 0.46
N ARG A 219 -27.87 -9.51 -0.59
CA ARG A 219 -28.03 -10.58 -1.61
C ARG A 219 -27.18 -11.79 -1.26
N MET A 220 -26.40 -11.73 -0.19
CA MET A 220 -25.57 -12.88 0.24
C MET A 220 -26.48 -13.83 1.05
N VAL A 221 -26.54 -15.10 0.66
CA VAL A 221 -27.39 -16.13 1.33
C VAL A 221 -26.73 -16.52 2.65
N SER A 222 -27.52 -16.64 3.71
CA SER A 222 -27.10 -17.35 4.95
C SER A 222 -28.29 -18.15 5.48
N ASN A 223 -28.03 -19.37 5.98
N ASN A 223 -28.04 -19.40 5.86
CA ASN A 223 -29.06 -20.27 6.55
CA ASN A 223 -29.06 -20.24 6.55
C ASN A 223 -30.32 -20.20 5.68
C ASN A 223 -30.32 -20.26 5.68
N GLY A 224 -30.14 -20.35 4.36
CA GLY A 224 -31.24 -20.40 3.39
C GLY A 224 -32.00 -19.09 3.22
N ILE A 225 -31.52 -17.97 3.76
CA ILE A 225 -32.30 -16.69 3.68
C ILE A 225 -31.49 -15.66 2.87
N VAL A 226 -32.20 -14.83 2.11
CA VAL A 226 -31.59 -13.69 1.36
C VAL A 226 -32.63 -12.58 1.33
N GLU A 227 -32.19 -11.32 1.31
CA GLU A 227 -33.12 -10.19 1.07
C GLU A 227 -33.26 -9.98 -0.43
N ASP A 228 -34.41 -9.49 -0.84
CA ASP A 228 -34.64 -8.94 -2.20
C ASP A 228 -33.66 -7.80 -2.47
N TYR A 229 -33.26 -7.62 -3.73
CA TYR A 229 -32.51 -6.43 -4.15
C TYR A 229 -33.35 -5.19 -3.81
N LYS A 230 -32.79 -4.30 -3.02
CA LYS A 230 -33.39 -2.96 -2.82
C LYS A 230 -32.29 -1.90 -2.84
N PRO A 231 -32.61 -0.71 -3.37
CA PRO A 231 -31.71 0.42 -3.27
C PRO A 231 -31.72 0.99 -1.86
N PRO A 232 -30.60 1.65 -1.46
CA PRO A 232 -30.52 2.24 -0.14
C PRO A 232 -31.71 3.19 0.09
N PHE A 233 -32.30 3.10 1.29
CA PHE A 233 -33.39 3.97 1.78
C PHE A 233 -34.68 3.73 0.98
N TYR A 234 -34.80 2.55 0.35
CA TYR A 234 -35.99 2.16 -0.47
C TYR A 234 -37.30 2.28 0.33
N ASP A 235 -37.22 2.17 1.66
CA ASP A 235 -38.39 2.06 2.57
C ASP A 235 -38.76 3.43 3.13
N VAL A 236 -37.96 4.47 2.93
CA VAL A 236 -38.19 5.77 3.62
C VAL A 236 -38.23 6.95 2.64
N VAL A 237 -37.86 6.79 1.38
CA VAL A 237 -37.93 7.89 0.39
C VAL A 237 -38.60 7.34 -0.86
N PRO A 238 -39.18 8.22 -1.68
CA PRO A 238 -39.74 7.78 -2.95
C PRO A 238 -38.63 7.42 -3.94
N ASN A 239 -39.00 6.83 -5.06
N ASN A 239 -39.02 6.85 -5.07
CA ASN A 239 -38.17 6.72 -6.29
CA ASN A 239 -38.21 6.81 -6.31
C ASN A 239 -37.85 8.16 -6.73
C ASN A 239 -37.84 8.24 -6.66
N ASP A 240 -36.62 8.44 -7.16
CA ASP A 240 -36.17 9.79 -7.56
C ASP A 240 -36.38 10.75 -6.38
N PRO A 241 -35.84 10.39 -5.20
CA PRO A 241 -36.01 11.22 -4.01
C PRO A 241 -35.50 12.65 -4.21
N SER A 242 -36.17 13.61 -3.64
CA SER A 242 -35.72 15.01 -3.69
C SER A 242 -34.55 15.14 -2.72
N PHE A 243 -33.72 16.15 -2.93
CA PHE A 243 -32.70 16.64 -1.99
C PHE A 243 -33.32 16.76 -0.61
N GLU A 244 -34.50 17.39 -0.52
CA GLU A 244 -35.17 17.58 0.81
C GLU A 244 -35.56 16.22 1.40
N ASP A 245 -36.16 15.33 0.62
CA ASP A 245 -36.53 13.96 1.10
C ASP A 245 -35.30 13.32 1.75
N MET A 246 -34.14 13.45 1.11
CA MET A 246 -32.90 12.77 1.56
C MET A 246 -32.36 13.47 2.82
N ARG A 247 -32.39 14.80 2.89
CA ARG A 247 -31.85 15.56 4.04
C ARG A 247 -32.63 15.18 5.30
N LYS A 248 -33.93 15.04 5.18
CA LYS A 248 -34.80 14.78 6.34
CA LYS A 248 -34.80 14.78 6.34
C LYS A 248 -34.46 13.39 6.92
N VAL A 249 -34.33 12.39 6.05
CA VAL A 249 -33.98 11.00 6.44
C VAL A 249 -32.58 10.98 7.07
N VAL A 250 -31.60 11.49 6.35
CA VAL A 250 -30.18 11.23 6.66
C VAL A 250 -29.69 12.22 7.72
N CYS A 251 -30.08 13.48 7.63
CA CYS A 251 -29.57 14.57 8.49
C CYS A 251 -30.51 14.78 9.67
N VAL A 252 -31.80 14.91 9.43
CA VAL A 252 -32.74 15.41 10.47
C VAL A 252 -33.06 14.23 11.37
N ASP A 253 -33.59 13.14 10.80
CA ASP A 253 -33.95 11.91 11.56
C ASP A 253 -32.72 11.02 11.79
N GLN A 254 -31.63 11.21 11.05
CA GLN A 254 -30.37 10.42 11.16
C GLN A 254 -30.64 8.92 10.98
N GLN A 255 -31.55 8.56 10.07
CA GLN A 255 -31.82 7.16 9.74
C GLN A 255 -30.63 6.56 8.99
N ARG A 256 -30.49 5.24 9.10
CA ARG A 256 -29.47 4.42 8.40
C ARG A 256 -30.19 3.20 7.85
N PRO A 257 -29.65 2.56 6.81
CA PRO A 257 -30.22 1.32 6.31
C PRO A 257 -30.34 0.24 7.42
N ASN A 258 -31.43 -0.50 7.39
N ASN A 258 -31.41 -0.54 7.31
CA ASN A 258 -31.75 -1.50 8.45
CA ASN A 258 -31.78 -1.63 8.25
C ASN A 258 -30.87 -2.74 8.23
C ASN A 258 -30.73 -2.74 8.17
N ILE A 259 -30.25 -3.23 9.31
CA ILE A 259 -29.54 -4.54 9.37
C ILE A 259 -30.56 -5.61 9.79
N PRO A 260 -30.93 -6.55 8.90
CA PRO A 260 -31.82 -7.63 9.25
C PRO A 260 -31.22 -8.51 10.36
N ASN A 261 -32.05 -8.97 11.30
CA ASN A 261 -31.67 -9.96 12.33
C ASN A 261 -30.90 -11.13 11.70
N ARG A 262 -31.36 -11.68 10.59
CA ARG A 262 -30.74 -12.92 10.03
C ARG A 262 -29.24 -12.73 9.77
N TRP A 263 -28.73 -11.49 9.65
CA TRP A 263 -27.28 -11.25 9.41
C TRP A 263 -26.48 -11.67 10.65
N PHE A 264 -27.10 -11.60 11.85
CA PHE A 264 -26.35 -11.76 13.12
C PHE A 264 -26.12 -13.24 13.41
N SER A 265 -26.74 -14.14 12.64
CA SER A 265 -26.47 -15.61 12.67
C SER A 265 -25.28 -15.95 11.78
N ASP A 266 -24.79 -15.01 10.97
CA ASP A 266 -23.69 -15.28 10.00
C ASP A 266 -22.48 -14.41 10.32
N PRO A 267 -21.27 -15.00 10.54
CA PRO A 267 -20.10 -14.22 10.95
C PRO A 267 -19.68 -13.22 9.88
N THR A 268 -19.83 -13.56 8.60
CA THR A 268 -19.45 -12.67 7.48
C THR A 268 -20.38 -11.44 7.50
N LEU A 269 -21.69 -11.65 7.52
CA LEU A 269 -22.66 -10.53 7.54
C LEU A 269 -22.54 -9.75 8.84
N THR A 270 -22.28 -10.42 9.97
CA THR A 270 -22.06 -9.69 11.25
C THR A 270 -20.87 -8.73 11.07
N SER A 271 -19.75 -9.21 10.51
CA SER A 271 -18.54 -8.38 10.29
C SER A 271 -18.85 -7.28 9.25
N LEU A 272 -19.63 -7.58 8.22
CA LEU A 272 -20.00 -6.58 7.17
C LEU A 272 -20.92 -5.51 7.79
N ALA A 273 -21.86 -5.87 8.66
CA ALA A 273 -22.74 -4.89 9.32
C ALA A 273 -21.90 -3.89 10.11
N LYS A 274 -20.90 -4.40 10.81
CA LYS A 274 -20.00 -3.55 11.63
C LYS A 274 -19.27 -2.61 10.66
N LEU A 275 -18.85 -3.14 9.52
CA LEU A 275 -18.07 -2.35 8.53
C LEU A 275 -18.96 -1.22 7.99
N MET A 276 -20.16 -1.53 7.55
CA MET A 276 -20.98 -0.50 6.89
C MET A 276 -21.37 0.57 7.93
N LYS A 277 -21.61 0.18 9.18
CA LYS A 277 -21.85 1.15 10.28
C LYS A 277 -20.69 2.13 10.42
N GLU A 278 -19.46 1.68 10.20
N GLU A 278 -19.46 1.67 10.21
CA GLU A 278 -18.25 2.53 10.38
CA GLU A 278 -18.24 2.50 10.38
C GLU A 278 -18.00 3.37 9.13
C GLU A 278 -18.01 3.38 9.15
N CYS A 279 -18.81 3.19 8.09
CA CYS A 279 -18.86 4.07 6.89
C CYS A 279 -19.96 5.14 7.03
N TRP A 280 -20.91 4.99 7.99
CA TRP A 280 -22.13 5.85 8.06
C TRP A 280 -22.16 6.78 9.26
N TYR A 281 -21.05 6.98 9.97
CA TYR A 281 -21.01 7.98 11.04
C TYR A 281 -21.41 9.34 10.49
N GLN A 282 -22.22 10.09 11.24
CA GLN A 282 -22.58 11.50 10.90
CA GLN A 282 -22.58 11.49 10.86
C GLN A 282 -21.29 12.32 10.78
N ASN A 283 -20.35 12.11 11.70
CA ASN A 283 -19.06 12.82 11.65
C ASN A 283 -18.19 12.18 10.55
N PRO A 284 -17.86 12.91 9.47
CA PRO A 284 -17.13 12.34 8.34
C PRO A 284 -15.74 11.84 8.77
N SER A 285 -15.11 12.52 9.71
CA SER A 285 -13.73 12.18 10.14
C SER A 285 -13.73 10.86 10.96
N ALA A 286 -14.88 10.40 11.46
CA ALA A 286 -14.99 9.11 12.21
C ALA A 286 -15.06 7.91 11.25
N ARG A 287 -15.34 8.15 9.97
CA ARG A 287 -15.49 7.04 9.01
C ARG A 287 -14.14 6.35 8.72
N LEU A 288 -14.21 5.05 8.47
CA LEU A 288 -13.05 4.26 8.01
C LEU A 288 -12.57 4.83 6.67
N THR A 289 -11.28 4.65 6.41
CA THR A 289 -10.62 4.94 5.12
C THR A 289 -10.78 3.71 4.25
N ALA A 290 -10.70 3.87 2.92
CA ALA A 290 -10.72 2.76 1.94
C ALA A 290 -9.60 1.77 2.30
N LEU A 291 -8.43 2.24 2.72
CA LEU A 291 -7.32 1.31 3.08
C LEU A 291 -7.70 0.51 4.32
N ARG A 292 -8.33 1.12 5.32
CA ARG A 292 -8.72 0.37 6.54
C ARG A 292 -9.84 -0.63 6.20
N ILE A 293 -10.76 -0.27 5.32
CA ILE A 293 -11.83 -1.21 4.85
C ILE A 293 -11.19 -2.42 4.17
N LYS A 294 -10.25 -2.21 3.25
CA LYS A 294 -9.53 -3.31 2.59
C LYS A 294 -8.94 -4.23 3.66
N LYS A 295 -8.20 -3.69 4.62
CA LYS A 295 -7.55 -4.52 5.65
C LYS A 295 -8.63 -5.35 6.35
N THR A 296 -9.69 -4.70 6.82
CA THR A 296 -10.80 -5.39 7.54
C THR A 296 -11.32 -6.53 6.67
N LEU A 297 -11.56 -6.25 5.40
CA LEU A 297 -12.15 -7.27 4.47
C LEU A 297 -11.19 -8.46 4.28
N THR A 298 -9.87 -8.26 4.35
CA THR A 298 -8.89 -9.35 4.19
C THR A 298 -8.88 -10.27 5.42
N LYS A 299 -9.33 -9.77 6.57
CA LYS A 299 -9.43 -10.57 7.84
C LYS A 299 -10.80 -11.25 7.95
N ILE A 300 -11.75 -11.03 7.04
CA ILE A 300 -13.09 -11.67 7.16
C ILE A 300 -13.04 -13.01 6.42
N ASP A 301 -13.56 -14.06 7.06
CA ASP A 301 -13.38 -15.49 6.70
C ASP A 301 -11.89 -15.81 6.53
N ALA B 7 44.96 16.75 3.97
CA ALA B 7 44.74 15.88 2.77
C ALA B 7 43.25 15.50 2.69
N ARG B 8 42.62 15.77 1.53
CA ARG B 8 41.21 15.45 1.21
C ARG B 8 41.13 14.69 -0.13
N ASP B 9 42.26 14.55 -0.84
CA ASP B 9 42.33 13.93 -2.20
C ASP B 9 41.82 12.48 -2.13
N ILE B 10 40.83 12.13 -2.96
CA ILE B 10 40.27 10.74 -3.04
C ILE B 10 40.48 10.18 -4.45
N THR B 11 40.98 8.94 -4.55
CA THR B 11 41.12 8.19 -5.83
C THR B 11 40.09 7.06 -5.93
N LEU B 12 39.24 7.08 -6.97
CA LEU B 12 38.23 6.00 -7.22
C LEU B 12 38.95 4.86 -7.94
N LEU B 13 38.95 3.65 -7.35
CA LEU B 13 39.68 2.47 -7.87
C LEU B 13 38.75 1.51 -8.60
N GLU B 14 37.61 1.17 -8.02
CA GLU B 14 36.70 0.17 -8.66
C GLU B 14 35.27 0.33 -8.16
N CYS B 15 34.31 0.14 -9.05
CA CYS B 15 32.87 0.10 -8.71
C CYS B 15 32.55 -1.22 -8.01
N VAL B 16 32.02 -1.18 -6.78
CA VAL B 16 31.61 -2.38 -6.00
C VAL B 16 30.07 -2.47 -5.96
N GLY B 17 29.36 -1.55 -6.63
CA GLY B 17 27.89 -1.58 -6.62
C GLY B 17 27.30 -0.50 -7.52
N LYS B 18 26.31 -0.89 -8.32
CA LYS B 18 25.57 -0.02 -9.29
C LYS B 18 24.09 -0.38 -9.14
N GLY B 19 23.21 0.61 -9.09
CA GLY B 19 21.75 0.41 -9.03
C GLY B 19 21.03 1.72 -9.28
N ARG B 20 19.72 1.74 -9.09
CA ARG B 20 18.87 2.96 -9.17
C ARG B 20 19.34 4.00 -8.14
N TYR B 21 19.92 3.56 -7.03
CA TYR B 21 20.39 4.45 -5.92
C TYR B 21 21.61 5.27 -6.37
N GLY B 22 22.37 4.74 -7.33
CA GLY B 22 23.64 5.35 -7.76
C GLY B 22 24.71 4.28 -7.89
N GLU B 23 25.90 4.56 -7.38
CA GLU B 23 27.04 3.65 -7.49
C GLU B 23 27.83 3.75 -6.21
N VAL B 24 28.46 2.67 -5.81
CA VAL B 24 29.49 2.72 -4.72
C VAL B 24 30.82 2.27 -5.32
N TRP B 25 31.87 2.97 -4.91
CA TRP B 25 33.25 2.80 -5.38
C TRP B 25 34.13 2.52 -4.17
N ARG B 26 35.03 1.56 -4.31
CA ARG B 26 36.20 1.47 -3.43
C ARG B 26 37.12 2.60 -3.87
N GLY B 27 37.52 3.47 -2.93
CA GLY B 27 38.50 4.52 -3.21
C GLY B 27 39.60 4.51 -2.18
N SER B 28 40.63 5.33 -2.40
CA SER B 28 41.80 5.49 -1.51
C SER B 28 41.92 6.96 -1.07
N TRP B 29 42.09 7.16 0.23
CA TRP B 29 42.23 8.48 0.90
C TRP B 29 43.29 8.29 1.99
N GLN B 30 44.39 9.04 1.90
CA GLN B 30 45.57 8.92 2.80
C GLN B 30 45.92 7.42 2.92
N GLY B 31 46.05 6.75 1.77
CA GLY B 31 46.49 5.33 1.68
C GLY B 31 45.47 4.32 2.19
N GLU B 32 44.35 4.75 2.79
CA GLU B 32 43.31 3.86 3.41
C GLU B 32 42.12 3.72 2.45
N ASN B 33 41.62 2.50 2.29
CA ASN B 33 40.38 2.22 1.53
C ASN B 33 39.24 3.08 2.11
N VAL B 34 38.39 3.60 1.23
CA VAL B 34 37.11 4.25 1.62
C VAL B 34 36.06 3.80 0.63
N ALA B 35 34.79 3.83 1.05
CA ALA B 35 33.63 3.62 0.17
C ALA B 35 33.12 5.01 -0.20
N VAL B 36 32.84 5.21 -1.48
CA VAL B 36 32.33 6.48 -2.01
C VAL B 36 31.02 6.13 -2.69
N LYS B 37 29.90 6.53 -2.09
CA LYS B 37 28.57 6.43 -2.73
C LYS B 37 28.29 7.74 -3.48
N ILE B 38 28.02 7.60 -4.77
CA ILE B 38 27.63 8.71 -5.67
C ILE B 38 26.16 8.47 -5.96
N PHE B 39 25.27 9.32 -5.46
CA PHE B 39 23.81 9.11 -5.53
C PHE B 39 23.33 9.46 -6.93
N SER B 40 22.33 8.75 -7.44
CA SER B 40 21.54 9.20 -8.61
C SER B 40 20.79 10.47 -8.23
N SER B 41 20.49 11.36 -9.18
CA SER B 41 19.76 12.62 -8.89
C SER B 41 18.35 12.29 -8.42
N ARG B 42 17.85 11.12 -8.80
CA ARG B 42 16.52 10.60 -8.37
C ARG B 42 16.47 10.41 -6.84
N ASP B 43 17.62 10.18 -6.22
N ASP B 43 17.61 10.10 -6.20
CA ASP B 43 17.73 9.82 -4.79
CA ASP B 43 17.70 9.80 -4.75
C ASP B 43 18.41 10.94 -3.98
C ASP B 43 18.40 10.94 -3.98
N GLU B 44 18.33 12.18 -4.45
CA GLU B 44 18.95 13.34 -3.74
C GLU B 44 18.40 13.46 -2.30
N LYS B 45 17.14 13.13 -2.05
CA LYS B 45 16.54 13.24 -0.69
C LYS B 45 17.19 12.24 0.27
N SER B 46 17.59 11.06 -0.19
CA SER B 46 18.30 10.07 0.64
C SER B 46 19.69 10.63 0.98
N TRP B 47 20.40 11.19 0.01
CA TRP B 47 21.73 11.79 0.28
C TRP B 47 21.57 12.83 1.42
N PHE B 48 20.53 13.65 1.33
CA PHE B 48 20.40 14.77 2.30
C PHE B 48 20.07 14.20 3.69
N ARG B 49 19.13 13.27 3.72
CA ARG B 49 18.67 12.61 4.97
C ARG B 49 19.83 11.89 5.65
N GLU B 50 20.63 11.18 4.87
CA GLU B 50 21.82 10.47 5.39
C GLU B 50 22.81 11.46 5.98
N THR B 51 22.96 12.62 5.34
CA THR B 51 23.86 13.70 5.81
C THR B 51 23.37 14.25 7.15
N GLU B 52 22.07 14.52 7.27
CA GLU B 52 21.43 14.95 8.54
C GLU B 52 21.69 13.91 9.63
N LEU B 53 21.53 12.63 9.34
CA LEU B 53 21.65 11.58 10.36
C LEU B 53 23.09 11.51 10.84
N TYR B 54 24.06 11.64 9.93
CA TYR B 54 25.48 11.49 10.31
C TYR B 54 25.97 12.75 11.02
N ASN B 55 25.19 13.83 11.02
CA ASN B 55 25.52 15.02 11.85
C ASN B 55 25.22 14.77 13.34
N THR B 56 24.59 13.65 13.71
CA THR B 56 24.42 13.20 15.12
C THR B 56 25.73 12.58 15.64
N VAL B 57 26.36 13.18 16.65
CA VAL B 57 27.76 12.83 17.07
C VAL B 57 27.77 11.50 17.85
N MET B 58 26.70 11.19 18.59
CA MET B 58 26.59 9.92 19.37
C MET B 58 26.12 8.76 18.47
N LEU B 59 25.86 9.02 17.18
CA LEU B 59 25.46 7.96 16.20
C LEU B 59 26.59 6.93 16.05
N ARG B 60 27.85 7.40 16.03
CA ARG B 60 29.09 6.60 15.91
C ARG B 60 28.99 5.36 16.81
N HIS B 61 29.18 4.19 16.23
CA HIS B 61 28.98 2.90 16.94
C HIS B 61 29.60 1.79 16.11
N GLU B 62 30.20 0.82 16.77
CA GLU B 62 30.96 -0.26 16.09
C GLU B 62 30.03 -0.99 15.10
N ASN B 63 28.71 -0.95 15.29
CA ASN B 63 27.73 -1.68 14.44
C ASN B 63 26.89 -0.73 13.59
N ILE B 64 27.40 0.47 13.35
CA ILE B 64 26.84 1.45 12.38
C ILE B 64 27.95 1.87 11.42
N LEU B 65 27.69 1.77 10.12
CA LEU B 65 28.66 2.19 9.07
C LEU B 65 29.25 3.55 9.45
N GLY B 66 30.58 3.64 9.56
CA GLY B 66 31.26 4.85 10.04
C GLY B 66 31.40 5.88 8.94
N PHE B 67 30.95 7.08 9.23
CA PHE B 67 30.92 8.24 8.32
C PHE B 67 32.31 8.90 8.26
N ILE B 68 32.72 9.35 7.08
CA ILE B 68 33.93 10.19 6.88
C ILE B 68 33.51 11.59 6.39
N ALA B 69 32.78 11.69 5.29
CA ALA B 69 32.37 13.01 4.73
C ALA B 69 31.12 12.85 3.87
N SER B 70 30.48 13.99 3.58
CA SER B 70 29.34 14.12 2.63
C SER B 70 29.57 15.39 1.85
N ASP B 71 29.36 15.34 0.54
CA ASP B 71 29.63 16.49 -0.35
C ASP B 71 28.49 16.60 -1.35
N MET B 72 28.01 17.81 -1.52
CA MET B 72 27.22 18.16 -2.71
C MET B 72 28.05 19.18 -3.50
N THR B 73 28.39 18.82 -4.73
CA THR B 73 29.24 19.63 -5.64
C THR B 73 28.43 19.97 -6.88
N SER B 74 28.62 21.19 -7.39
CA SER B 74 27.88 21.61 -8.59
C SER B 74 28.69 22.66 -9.36
N ARG B 75 28.70 22.47 -10.66
CA ARG B 75 29.04 23.51 -11.65
C ARG B 75 27.93 23.53 -12.68
N HIS B 76 27.49 24.73 -13.07
CA HIS B 76 26.41 24.89 -14.07
C HIS B 76 25.21 24.09 -13.56
N SER B 77 24.56 23.26 -14.39
CA SER B 77 23.30 22.59 -14.03
C SER B 77 23.52 21.16 -13.52
N SER B 78 24.76 20.76 -13.29
CA SER B 78 25.14 19.37 -12.95
C SER B 78 25.49 19.31 -11.46
N THR B 79 24.85 18.41 -10.70
CA THR B 79 25.13 18.23 -9.25
C THR B 79 25.65 16.83 -9.01
N GLN B 80 26.71 16.68 -8.22
CA GLN B 80 27.17 15.37 -7.70
C GLN B 80 26.90 15.31 -6.20
N LEU B 81 26.46 14.15 -5.73
CA LEU B 81 26.12 13.91 -4.31
C LEU B 81 26.92 12.69 -3.86
N TRP B 82 27.89 12.93 -2.99
CA TRP B 82 28.88 11.95 -2.48
C TRP B 82 28.60 11.67 -1.01
N LEU B 83 28.68 10.40 -0.63
CA LEU B 83 28.79 9.99 0.78
C LEU B 83 30.03 9.11 0.88
N ILE B 84 30.94 9.47 1.76
CA ILE B 84 32.23 8.77 1.96
C ILE B 84 32.19 8.11 3.34
N THR B 85 32.41 6.80 3.37
CA THR B 85 32.37 6.02 4.62
C THR B 85 33.62 5.13 4.68
N HIS B 86 33.78 4.47 5.80
CA HIS B 86 34.75 3.36 5.90
C HIS B 86 34.32 2.26 4.92
N TYR B 87 35.31 1.47 4.52
CA TYR B 87 35.18 0.43 3.47
C TYR B 87 35.22 -0.95 4.15
N HIS B 88 34.32 -1.86 3.78
CA HIS B 88 34.22 -3.23 4.36
C HIS B 88 34.42 -4.22 3.23
N GLU B 89 35.65 -4.71 3.09
CA GLU B 89 36.06 -5.49 1.90
C GLU B 89 35.27 -6.79 1.78
N MET B 90 34.72 -7.34 2.88
CA MET B 90 33.91 -8.59 2.87
C MET B 90 32.51 -8.31 2.35
N GLY B 91 32.17 -7.03 2.13
CA GLY B 91 30.94 -6.66 1.41
C GLY B 91 29.73 -6.78 2.29
N SER B 92 28.52 -6.97 1.74
CA SER B 92 27.29 -7.03 2.53
C SER B 92 27.07 -8.44 3.08
N LEU B 93 26.21 -8.54 4.09
CA LEU B 93 25.76 -9.83 4.65
C LEU B 93 25.16 -10.65 3.52
N TYR B 94 24.38 -10.00 2.65
CA TYR B 94 23.66 -10.67 1.54
C TYR B 94 24.69 -11.41 0.65
N ASP B 95 25.79 -10.74 0.37
CA ASP B 95 26.94 -11.28 -0.43
C ASP B 95 27.56 -12.45 0.35
N TYR B 96 27.94 -12.17 1.59
CA TYR B 96 28.69 -13.07 2.49
C TYR B 96 27.96 -14.40 2.71
N LEU B 97 26.66 -14.34 2.98
CA LEU B 97 25.84 -15.55 3.25
C LEU B 97 25.81 -16.47 2.03
N GLN B 98 26.09 -15.97 0.84
N GLN B 98 26.07 -15.95 0.84
CA GLN B 98 25.99 -16.83 -0.37
CA GLN B 98 26.01 -16.76 -0.40
C GLN B 98 27.28 -17.63 -0.60
C GLN B 98 27.21 -17.70 -0.48
N LEU B 99 28.36 -17.34 0.13
CA LEU B 99 29.62 -18.06 -0.17
C LEU B 99 30.13 -18.78 1.07
N THR B 100 29.44 -18.68 2.20
CA THR B 100 29.90 -19.28 3.47
CA THR B 100 29.88 -19.47 3.36
C THR B 100 28.71 -19.84 4.25
N THR B 101 28.95 -20.91 5.00
CA THR B 101 28.06 -21.42 6.07
C THR B 101 28.63 -20.88 7.37
N LEU B 102 27.84 -20.94 8.43
CA LEU B 102 28.23 -20.37 9.74
C LEU B 102 28.26 -21.49 10.76
N ASP B 103 29.15 -21.41 11.74
CA ASP B 103 29.04 -22.23 12.95
C ASP B 103 28.17 -21.40 13.89
N THR B 104 27.85 -21.96 15.05
CA THR B 104 27.03 -21.35 16.14
C THR B 104 27.61 -20.03 16.60
N VAL B 105 28.91 -19.98 16.87
CA VAL B 105 29.61 -18.75 17.33
C VAL B 105 29.48 -17.65 16.27
N SER B 106 29.72 -17.96 14.99
N SER B 106 29.67 -18.00 14.98
CA SER B 106 29.69 -16.94 13.91
CA SER B 106 29.72 -17.03 13.84
C SER B 106 28.24 -16.46 13.72
C SER B 106 28.31 -16.56 13.45
N CYS B 107 27.29 -17.39 13.69
CA CYS B 107 25.86 -17.03 13.50
C CYS B 107 25.42 -16.04 14.60
N LEU B 108 25.72 -16.35 15.85
CA LEU B 108 25.29 -15.50 16.99
C LEU B 108 26.06 -14.17 17.04
N ARG B 109 27.36 -14.15 16.72
CA ARG B 109 28.15 -12.91 16.63
C ARG B 109 27.54 -11.98 15.58
N ILE B 110 27.15 -12.53 14.43
CA ILE B 110 26.54 -11.73 13.34
C ILE B 110 25.22 -11.15 13.86
N VAL B 111 24.32 -11.99 14.38
CA VAL B 111 22.94 -11.49 14.66
C VAL B 111 22.96 -10.63 15.94
N LEU B 112 23.77 -10.96 16.93
CA LEU B 112 23.94 -10.08 18.11
C LEU B 112 24.45 -8.71 17.65
N SER B 113 25.45 -8.63 16.76
CA SER B 113 26.03 -7.33 16.34
C SER B 113 24.97 -6.49 15.61
N ILE B 114 24.13 -7.13 14.80
CA ILE B 114 23.06 -6.39 14.08
C ILE B 114 22.05 -5.88 15.11
N ALA B 115 21.64 -6.74 16.05
CA ALA B 115 20.73 -6.36 17.15
C ALA B 115 21.31 -5.19 17.95
N SER B 116 22.62 -5.20 18.22
N SER B 116 22.63 -5.19 18.19
CA SER B 116 23.29 -4.15 19.03
CA SER B 116 23.31 -4.17 19.02
C SER B 116 23.27 -2.83 18.26
C SER B 116 23.30 -2.84 18.27
N GLY B 117 23.55 -2.88 16.96
CA GLY B 117 23.44 -1.70 16.07
C GLY B 117 22.02 -1.16 16.05
N LEU B 118 21.06 -2.05 15.88
CA LEU B 118 19.63 -1.67 15.79
C LEU B 118 19.18 -1.04 17.11
N ALA B 119 19.53 -1.66 18.25
CA ALA B 119 19.18 -1.12 19.59
C ALA B 119 19.88 0.23 19.78
N HIS B 120 21.10 0.38 19.29
CA HIS B 120 21.81 1.68 19.37
C HIS B 120 21.03 2.75 18.59
N LEU B 121 20.55 2.42 17.40
CA LEU B 121 19.72 3.36 16.61
C LEU B 121 18.43 3.71 17.38
N HIS B 122 17.68 2.70 17.79
CA HIS B 122 16.32 2.82 18.37
C HIS B 122 16.35 3.60 19.67
N ILE B 123 17.37 3.42 20.50
CA ILE B 123 17.31 3.96 21.90
C ILE B 123 17.80 5.42 21.87
N GLU B 124 16.95 6.32 22.38
CA GLU B 124 17.33 7.70 22.72
C GLU B 124 18.37 7.67 23.84
N ILE B 125 19.45 8.45 23.68
CA ILE B 125 20.42 8.80 24.74
C ILE B 125 20.14 10.24 25.18
N PHE B 126 20.19 10.51 26.49
CA PHE B 126 20.04 11.86 27.09
C PHE B 126 21.36 12.29 27.70
N LYS B 131 21.65 11.74 21.79
CA LYS B 131 21.29 11.16 20.46
C LYS B 131 19.78 10.93 20.38
N PRO B 132 19.09 11.37 19.31
CA PRO B 132 17.68 11.05 19.15
C PRO B 132 17.51 9.55 18.94
N ALA B 133 16.33 9.03 19.25
CA ALA B 133 15.91 7.67 18.83
C ALA B 133 15.74 7.71 17.31
N ILE B 134 16.15 6.63 16.63
CA ILE B 134 16.25 6.55 15.15
C ILE B 134 15.69 5.20 14.72
N ALA B 135 14.71 5.21 13.81
CA ALA B 135 14.20 4.05 13.08
C ALA B 135 14.83 4.11 11.67
N HIS B 136 15.24 2.95 11.17
CA HIS B 136 16.06 2.85 9.96
C HIS B 136 15.17 2.87 8.71
N ARG B 137 14.13 2.03 8.73
CA ARG B 137 13.05 1.90 7.71
C ARG B 137 13.51 1.15 6.45
N ASP B 138 14.77 0.75 6.33
CA ASP B 138 15.15 -0.09 5.15
C ASP B 138 16.15 -1.16 5.54
N LEU B 139 15.89 -1.84 6.63
CA LEU B 139 16.82 -2.89 7.13
C LEU B 139 16.69 -4.10 6.21
N LYS B 140 17.83 -4.62 5.74
CA LYS B 140 17.90 -5.81 4.87
C LYS B 140 19.36 -6.24 4.80
N SER B 141 19.60 -7.45 4.32
CA SER B 141 20.95 -8.04 4.37
C SER B 141 21.88 -7.25 3.41
N LYS B 142 21.37 -6.64 2.34
CA LYS B 142 22.24 -5.76 1.50
C LYS B 142 22.65 -4.46 2.23
N ASN B 143 21.95 -4.05 3.30
CA ASN B 143 22.27 -2.79 4.05
C ASN B 143 23.03 -3.13 5.32
N ILE B 144 23.58 -4.33 5.37
CA ILE B 144 24.38 -4.78 6.53
C ILE B 144 25.73 -5.22 5.97
N LEU B 145 26.82 -4.67 6.50
CA LEU B 145 28.18 -4.95 6.01
C LEU B 145 28.87 -5.86 7.03
N VAL B 146 29.67 -6.79 6.52
CA VAL B 146 30.43 -7.78 7.33
C VAL B 146 31.82 -7.23 7.58
N LYS B 147 32.26 -7.28 8.83
CA LYS B 147 33.60 -6.83 9.24
C LYS B 147 34.46 -8.05 9.51
N LYS B 148 35.78 -7.86 9.44
CA LYS B 148 36.79 -8.93 9.58
C LYS B 148 36.74 -9.51 10.99
N ASN B 149 36.31 -8.74 12.00
CA ASN B 149 36.13 -9.25 13.39
C ASN B 149 34.89 -10.14 13.55
N GLY B 150 34.11 -10.35 12.49
CA GLY B 150 32.93 -11.24 12.50
C GLY B 150 31.64 -10.55 12.91
N GLN B 151 31.72 -9.27 13.26
CA GLN B 151 30.54 -8.43 13.52
C GLN B 151 30.12 -7.76 12.23
N CYS B 152 28.90 -7.23 12.21
CA CYS B 152 28.32 -6.51 11.08
C CYS B 152 28.10 -5.06 11.47
N CYS B 153 27.92 -4.19 10.49
CA CYS B 153 27.45 -2.82 10.76
C CYS B 153 26.29 -2.48 9.83
N ILE B 154 25.33 -1.74 10.37
CA ILE B 154 24.13 -1.31 9.60
C ILE B 154 24.47 -0.05 8.80
N ALA B 155 24.02 -0.03 7.55
CA ALA B 155 24.33 1.02 6.57
C ALA B 155 23.02 1.56 6.05
N ASP B 156 23.09 2.76 5.48
CA ASP B 156 22.02 3.39 4.66
C ASP B 156 20.94 3.96 5.57
N LEU B 157 21.13 5.21 5.97
CA LEU B 157 20.20 5.92 6.88
C LEU B 157 19.33 6.89 6.08
N GLY B 158 19.28 6.72 4.76
CA GLY B 158 18.52 7.54 3.81
C GLY B 158 17.03 7.68 4.11
N LEU B 159 16.41 6.71 4.80
CA LEU B 159 14.94 6.70 5.06
C LEU B 159 14.71 6.89 6.54
N ALA B 160 15.76 7.08 7.31
CA ALA B 160 15.69 7.07 8.78
C ALA B 160 14.72 8.16 9.30
N VAL B 161 13.98 7.83 10.36
CA VAL B 161 13.12 8.75 11.15
C VAL B 161 13.80 9.05 12.49
N MET B 162 13.73 10.30 12.95
CA MET B 162 14.30 10.67 14.28
C MET B 162 13.17 11.09 15.23
N HIS B 163 13.33 10.80 16.52
CA HIS B 163 12.38 11.22 17.57
C HIS B 163 13.13 11.45 18.88
N SER B 164 12.87 12.57 19.57
CA SER B 164 13.34 12.80 20.95
C SER B 164 12.12 12.96 21.87
N GLN B 165 11.94 12.05 22.83
CA GLN B 165 10.92 12.20 23.90
C GLN B 165 11.27 13.42 24.76
N SER B 166 12.56 13.68 24.92
CA SER B 166 13.13 14.74 25.79
C SER B 166 12.55 16.12 25.41
N THR B 167 12.35 16.36 24.10
CA THR B 167 11.85 17.65 23.54
C THR B 167 10.57 17.45 22.74
N ASN B 168 10.03 16.23 22.70
CA ASN B 168 8.78 15.92 21.97
C ASN B 168 8.90 16.35 20.51
N GLN B 169 9.98 15.91 19.84
CA GLN B 169 10.21 16.17 18.39
C GLN B 169 10.12 14.84 17.62
N LEU B 170 9.45 14.85 16.48
CA LEU B 170 9.41 13.71 15.52
C LEU B 170 9.76 14.28 14.14
N ASP B 171 10.86 13.82 13.54
CA ASP B 171 11.32 14.29 12.20
C ASP B 171 11.24 13.07 11.27
N VAL B 172 10.15 12.95 10.49
CA VAL B 172 9.92 11.78 9.57
C VAL B 172 10.55 12.07 8.21
N GLY B 173 11.10 13.27 8.01
CA GLY B 173 11.73 13.63 6.72
C GLY B 173 10.68 13.77 5.64
N ASN B 174 11.11 14.06 4.40
CA ASN B 174 10.21 14.23 3.22
C ASN B 174 10.78 13.45 2.04
N ASN B 175 11.27 12.25 2.30
CA ASN B 175 11.79 11.29 1.30
C ASN B 175 10.65 10.44 0.77
N PRO B 176 10.31 10.52 -0.53
CA PRO B 176 9.21 9.75 -1.10
C PRO B 176 9.62 8.29 -1.34
N ARG B 177 10.94 8.02 -1.28
CA ARG B 177 11.51 6.64 -1.36
C ARG B 177 10.81 5.80 -0.29
N VAL B 178 10.63 4.52 -0.55
CA VAL B 178 10.03 3.61 0.45
C VAL B 178 11.00 2.45 0.65
N GLY B 179 10.77 1.64 1.69
CA GLY B 179 11.61 0.47 1.99
C GLY B 179 11.66 -0.54 0.85
N THR B 180 12.63 -1.43 0.93
CA THR B 180 12.74 -2.59 -0.01
C THR B 180 11.48 -3.45 0.09
N LYS B 181 10.77 -3.66 -1.02
CA LYS B 181 9.41 -4.29 -0.98
C LYS B 181 9.45 -5.64 -0.25
N ARG B 182 10.46 -6.46 -0.47
CA ARG B 182 10.52 -7.84 0.10
C ARG B 182 10.58 -7.81 1.64
N TYR B 183 11.07 -6.72 2.23
CA TYR B 183 11.28 -6.62 3.69
C TYR B 183 10.17 -5.79 4.36
N MET B 184 9.15 -5.36 3.60
CA MET B 184 8.15 -4.42 4.15
C MET B 184 7.22 -5.16 5.12
N ALA B 185 6.95 -4.56 6.27
CA ALA B 185 6.02 -5.06 7.29
C ALA B 185 4.60 -5.07 6.72
N PRO B 186 3.69 -5.89 7.26
CA PRO B 186 2.30 -5.92 6.82
C PRO B 186 1.65 -4.53 6.80
N GLU B 187 1.90 -3.72 7.83
CA GLU B 187 1.22 -2.41 8.00
C GLU B 187 1.78 -1.44 6.96
N VAL B 188 3.00 -1.68 6.46
CA VAL B 188 3.59 -0.88 5.36
C VAL B 188 2.95 -1.33 4.05
N LEU B 189 2.78 -2.64 3.86
CA LEU B 189 2.23 -3.22 2.60
C LEU B 189 0.74 -2.88 2.44
N ASP B 190 -0.01 -2.80 3.53
CA ASP B 190 -1.46 -2.49 3.47
C ASP B 190 -1.69 -1.00 3.72
N GLU B 191 -0.59 -0.26 3.95
CA GLU B 191 -0.59 1.24 4.06
C GLU B 191 -1.47 1.68 5.23
N THR B 192 -1.59 0.89 6.29
CA THR B 192 -2.34 1.31 7.48
C THR B 192 -1.38 1.86 8.55
N ILE B 193 -0.07 1.77 8.34
CA ILE B 193 0.94 2.17 9.38
C ILE B 193 0.64 3.61 9.84
N GLN B 194 0.76 3.85 11.15
CA GLN B 194 0.49 5.16 11.81
C GLN B 194 1.69 6.08 11.56
N VAL B 195 1.59 6.95 10.54
CA VAL B 195 2.76 7.71 10.00
C VAL B 195 3.26 8.77 11.00
N ASP B 196 2.46 9.17 12.00
CA ASP B 196 2.91 10.20 12.98
C ASP B 196 3.23 9.54 14.33
N CYS B 197 3.50 8.23 14.33
CA CYS B 197 3.80 7.44 15.55
CA CYS B 197 3.81 7.46 15.57
C CYS B 197 5.23 6.86 15.45
N PHE B 198 6.17 7.35 16.25
CA PHE B 198 7.58 6.94 16.10
C PHE B 198 7.70 5.43 16.28
N ASP B 199 6.98 4.88 17.26
CA ASP B 199 7.01 3.43 17.62
C ASP B 199 6.63 2.61 16.39
N SER B 200 5.75 3.11 15.53
CA SER B 200 5.39 2.37 14.29
C SER B 200 6.64 2.07 13.47
N TYR B 201 7.58 3.02 13.37
CA TYR B 201 8.78 2.87 12.51
C TYR B 201 9.75 1.89 13.18
N LYS B 202 9.88 1.93 14.50
CA LYS B 202 10.75 0.93 15.20
C LYS B 202 10.20 -0.47 14.94
N ARG B 203 8.88 -0.64 14.91
CA ARG B 203 8.22 -1.97 14.75
C ARG B 203 8.46 -2.51 13.34
N VAL B 204 8.51 -1.65 12.33
CA VAL B 204 8.80 -2.04 10.93
C VAL B 204 10.25 -2.57 10.89
N ASP B 205 11.17 -1.93 11.59
CA ASP B 205 12.57 -2.38 11.69
C ASP B 205 12.59 -3.79 12.30
N ILE B 206 11.77 -4.05 13.30
CA ILE B 206 11.83 -5.34 14.04
C ILE B 206 11.36 -6.43 13.08
N TRP B 207 10.30 -6.16 12.34
CA TRP B 207 9.84 -7.08 11.27
C TRP B 207 11.00 -7.43 10.36
N ALA B 208 11.67 -6.41 9.81
CA ALA B 208 12.79 -6.58 8.83
C ALA B 208 13.92 -7.35 9.50
N PHE B 209 14.22 -7.02 10.73
CA PHE B 209 15.27 -7.73 11.50
C PHE B 209 14.93 -9.20 11.60
N GLY B 210 13.66 -9.53 11.87
CA GLY B 210 13.24 -10.94 11.92
C GLY B 210 13.59 -11.63 10.63
N LEU B 211 13.35 -10.97 9.48
CA LEU B 211 13.65 -11.56 8.15
C LEU B 211 15.15 -11.77 7.99
N VAL B 212 15.97 -10.83 8.47
CA VAL B 212 17.45 -10.94 8.42
C VAL B 212 17.92 -12.11 9.32
N LEU B 213 17.35 -12.25 10.52
N LEU B 213 17.32 -12.27 10.50
CA LEU B 213 17.62 -13.39 11.44
CA LEU B 213 17.63 -13.37 11.44
C LEU B 213 17.40 -14.69 10.65
C LEU B 213 17.34 -14.71 10.75
N TRP B 214 16.26 -14.81 9.98
CA TRP B 214 15.90 -16.01 9.20
C TRP B 214 16.95 -16.29 8.10
N GLU B 215 17.39 -15.25 7.39
CA GLU B 215 18.36 -15.40 6.29
C GLU B 215 19.67 -15.94 6.83
N VAL B 216 20.07 -15.44 7.97
CA VAL B 216 21.35 -15.82 8.62
C VAL B 216 21.24 -17.25 9.17
N ALA B 217 20.18 -17.53 9.93
CA ALA B 217 20.03 -18.83 10.63
C ALA B 217 20.02 -19.98 9.62
N ARG B 218 19.47 -19.77 8.43
CA ARG B 218 19.42 -20.82 7.38
C ARG B 218 20.84 -21.31 7.06
N ARG B 219 21.84 -20.45 7.22
CA ARG B 219 23.25 -20.69 6.83
C ARG B 219 24.09 -21.21 8.01
N MET B 220 23.50 -21.38 9.18
CA MET B 220 24.22 -21.97 10.34
C MET B 220 24.05 -23.50 10.27
N VAL B 221 25.14 -24.23 10.21
CA VAL B 221 25.09 -25.72 10.11
C VAL B 221 24.65 -26.28 11.47
N SER B 222 23.77 -27.26 11.43
CA SER B 222 23.48 -28.08 12.63
C SER B 222 23.34 -29.55 12.19
N ASN B 223 23.97 -30.45 12.93
CA ASN B 223 23.86 -31.90 12.68
C ASN B 223 24.19 -32.19 11.22
N GLY B 224 25.18 -31.47 10.65
CA GLY B 224 25.65 -31.64 9.27
C GLY B 224 24.65 -31.18 8.21
N ILE B 225 23.67 -30.34 8.56
CA ILE B 225 22.63 -29.85 7.61
C ILE B 225 22.66 -28.31 7.60
N VAL B 226 22.44 -27.72 6.43
CA VAL B 226 22.36 -26.25 6.24
C VAL B 226 21.41 -26.02 5.07
N GLU B 227 20.71 -24.89 5.07
CA GLU B 227 19.84 -24.53 3.91
C GLU B 227 20.66 -23.66 2.96
N ASP B 228 20.30 -23.63 1.70
CA ASP B 228 20.90 -22.71 0.71
C ASP B 228 20.54 -21.29 1.14
N TYR B 229 21.34 -20.31 0.74
CA TYR B 229 20.97 -18.89 0.88
C TYR B 229 19.70 -18.69 0.06
N LYS B 230 18.69 -18.09 0.67
CA LYS B 230 17.50 -17.56 -0.05
C LYS B 230 17.09 -16.24 0.59
N PRO B 231 16.53 -15.30 -0.20
CA PRO B 231 15.92 -14.09 0.36
C PRO B 231 14.56 -14.40 1.00
N PRO B 232 14.04 -13.53 1.91
CA PRO B 232 12.71 -13.71 2.46
C PRO B 232 11.68 -13.84 1.33
N PHE B 233 10.80 -14.82 1.45
CA PHE B 233 9.60 -15.05 0.61
C PHE B 233 9.98 -15.53 -0.79
N TYR B 234 11.19 -16.07 -0.94
CA TYR B 234 11.76 -16.54 -2.22
C TYR B 234 10.78 -17.51 -2.91
N ASP B 235 10.08 -18.31 -2.11
CA ASP B 235 9.25 -19.46 -2.59
C ASP B 235 7.81 -19.04 -2.93
N VAL B 236 7.32 -17.84 -2.52
CA VAL B 236 5.87 -17.51 -2.60
C VAL B 236 5.58 -16.28 -3.47
N VAL B 237 6.60 -15.55 -3.96
CA VAL B 237 6.43 -14.35 -4.84
C VAL B 237 7.24 -14.51 -6.10
N PRO B 238 6.84 -13.81 -7.19
CA PRO B 238 7.66 -13.71 -8.39
C PRO B 238 9.04 -13.13 -8.06
N ASN B 239 10.04 -13.46 -8.89
CA ASN B 239 11.33 -12.74 -8.92
C ASN B 239 11.02 -11.24 -9.06
N ASP B 240 11.80 -10.38 -8.43
CA ASP B 240 11.61 -8.92 -8.49
C ASP B 240 10.16 -8.63 -8.12
N PRO B 241 9.72 -9.03 -6.90
CA PRO B 241 8.31 -8.87 -6.53
C PRO B 241 7.90 -7.39 -6.49
N SER B 242 6.71 -7.13 -6.95
CA SER B 242 6.02 -5.81 -6.81
C SER B 242 5.53 -5.60 -5.36
N PHE B 243 5.18 -4.38 -5.05
CA PHE B 243 4.48 -3.99 -3.80
C PHE B 243 3.23 -4.85 -3.64
N GLU B 244 2.43 -5.01 -4.70
CA GLU B 244 1.18 -5.82 -4.67
C GLU B 244 1.47 -7.32 -4.41
N ASP B 245 2.49 -7.89 -5.06
CA ASP B 245 2.95 -9.29 -4.84
C ASP B 245 3.23 -9.50 -3.34
N MET B 246 3.98 -8.59 -2.72
CA MET B 246 4.38 -8.70 -1.28
C MET B 246 3.13 -8.55 -0.41
N ARG B 247 2.27 -7.59 -0.73
CA ARG B 247 0.98 -7.42 0.00
C ARG B 247 0.21 -8.73 -0.05
N LYS B 248 0.08 -9.35 -1.22
CA LYS B 248 -0.67 -10.63 -1.33
C LYS B 248 -0.14 -11.64 -0.30
N VAL B 249 1.17 -11.89 -0.29
CA VAL B 249 1.70 -13.03 0.52
C VAL B 249 1.66 -12.65 2.01
N VAL B 250 2.05 -11.44 2.37
CA VAL B 250 2.21 -11.01 3.78
C VAL B 250 0.87 -10.66 4.40
N CYS B 251 0.00 -9.95 3.66
CA CYS B 251 -1.26 -9.39 4.21
C CYS B 251 -2.45 -10.30 3.86
N VAL B 252 -2.57 -10.77 2.64
CA VAL B 252 -3.78 -11.58 2.28
C VAL B 252 -3.53 -13.04 2.74
N ASP B 253 -2.41 -13.65 2.33
CA ASP B 253 -2.10 -15.07 2.63
C ASP B 253 -1.51 -15.22 4.04
N GLN B 254 -1.13 -14.14 4.72
CA GLN B 254 -0.53 -14.19 6.09
C GLN B 254 0.69 -15.11 6.12
N GLN B 255 1.49 -15.10 5.06
CA GLN B 255 2.71 -15.95 4.98
C GLN B 255 3.77 -15.37 5.89
N ARG B 256 4.58 -16.27 6.44
CA ARG B 256 5.82 -15.94 7.16
C ARG B 256 6.89 -16.92 6.68
N PRO B 257 8.19 -16.55 6.74
CA PRO B 257 9.22 -17.51 6.35
C PRO B 257 9.03 -18.82 7.13
N ASN B 258 9.18 -19.94 6.43
CA ASN B 258 9.06 -21.30 6.99
C ASN B 258 10.29 -21.58 7.85
N ILE B 259 10.09 -22.20 9.00
CA ILE B 259 11.20 -22.69 9.87
C ILE B 259 11.52 -24.11 9.43
N PRO B 260 12.73 -24.37 8.91
CA PRO B 260 13.11 -25.74 8.54
C PRO B 260 13.08 -26.62 9.79
N ASN B 261 12.54 -27.85 9.68
CA ASN B 261 12.28 -28.70 10.87
C ASN B 261 13.62 -29.05 11.52
N ARG B 262 14.70 -29.09 10.74
CA ARG B 262 16.03 -29.47 11.27
C ARG B 262 16.47 -28.48 12.36
N TRP B 263 16.02 -27.21 12.35
CA TRP B 263 16.39 -26.23 13.41
C TRP B 263 15.99 -26.75 14.80
N PHE B 264 14.87 -27.45 14.87
CA PHE B 264 14.28 -27.88 16.17
C PHE B 264 15.16 -28.93 16.88
N SER B 265 16.14 -29.56 16.20
CA SER B 265 17.15 -30.45 16.85
C SER B 265 18.30 -29.66 17.48
N ASP B 266 18.42 -28.37 17.18
CA ASP B 266 19.54 -27.51 17.63
C ASP B 266 18.98 -26.47 18.59
N PRO B 267 19.56 -26.34 19.80
CA PRO B 267 19.05 -25.40 20.81
C PRO B 267 19.15 -23.95 20.36
N THR B 268 20.22 -23.62 19.64
CA THR B 268 20.49 -22.26 19.15
C THR B 268 19.42 -21.89 18.11
N LEU B 269 19.23 -22.76 17.14
CA LEU B 269 18.29 -22.48 16.03
C LEU B 269 16.85 -22.53 16.56
N THR B 270 16.57 -23.38 17.52
CA THR B 270 15.24 -23.42 18.17
C THR B 270 14.99 -22.04 18.81
N SER B 271 15.97 -21.49 19.54
CA SER B 271 15.85 -20.17 20.19
C SER B 271 15.70 -19.07 19.14
N LEU B 272 16.47 -19.14 18.03
CA LEU B 272 16.40 -18.11 17.00
C LEU B 272 15.02 -18.17 16.34
N ALA B 273 14.48 -19.37 16.12
CA ALA B 273 13.16 -19.57 15.49
C ALA B 273 12.09 -18.87 16.33
N LYS B 274 12.18 -19.00 17.64
CA LYS B 274 11.23 -18.36 18.60
C LYS B 274 11.35 -16.84 18.49
N LEU B 275 12.57 -16.32 18.46
CA LEU B 275 12.88 -14.87 18.35
C LEU B 275 12.28 -14.30 17.06
N MET B 276 12.56 -14.92 15.93
CA MET B 276 12.16 -14.34 14.63
C MET B 276 10.63 -14.40 14.53
N LYS B 277 9.99 -15.39 15.15
CA LYS B 277 8.52 -15.47 15.16
C LYS B 277 7.95 -14.32 16.01
N GLU B 278 8.66 -13.85 17.03
CA GLU B 278 8.20 -12.72 17.87
C GLU B 278 8.52 -11.36 17.19
N CYS B 279 9.20 -11.38 16.04
CA CYS B 279 9.41 -10.19 15.18
C CYS B 279 8.27 -10.06 14.17
N TRP B 280 7.47 -11.12 13.99
CA TRP B 280 6.58 -11.29 12.80
C TRP B 280 5.09 -11.27 13.12
N TYR B 281 4.68 -10.91 14.34
CA TYR B 281 3.23 -10.72 14.64
C TYR B 281 2.65 -9.67 13.70
N GLN B 282 1.46 -9.90 13.14
CA GLN B 282 0.73 -8.87 12.35
C GLN B 282 0.51 -7.65 13.25
N ASN B 283 0.19 -7.85 14.52
CA ASN B 283 0.02 -6.75 15.50
C ASN B 283 1.39 -6.16 15.80
N PRO B 284 1.69 -4.93 15.31
CA PRO B 284 3.03 -4.35 15.48
C PRO B 284 3.44 -4.23 16.95
N SER B 285 2.49 -3.91 17.85
CA SER B 285 2.78 -3.68 19.30
C SER B 285 3.15 -4.99 20.00
N ALA B 286 2.80 -6.14 19.41
CA ALA B 286 3.14 -7.48 19.95
C ALA B 286 4.61 -7.82 19.74
N ARG B 287 5.30 -7.18 18.78
CA ARG B 287 6.67 -7.56 18.38
C ARG B 287 7.63 -7.22 19.51
N LEU B 288 8.73 -7.96 19.63
CA LEU B 288 9.84 -7.61 20.57
C LEU B 288 10.44 -6.22 20.24
N THR B 289 11.08 -5.60 21.23
CA THR B 289 11.91 -4.41 21.06
C THR B 289 13.32 -4.86 20.64
N ALA B 290 14.05 -3.97 19.99
CA ALA B 290 15.46 -4.19 19.63
C ALA B 290 16.25 -4.48 20.92
N LEU B 291 15.94 -3.84 22.04
CA LEU B 291 16.70 -4.08 23.30
C LEU B 291 16.41 -5.49 23.80
N ARG B 292 15.17 -5.95 23.75
CA ARG B 292 14.78 -7.30 24.22
C ARG B 292 15.46 -8.31 23.31
N ILE B 293 15.51 -8.05 22.01
CA ILE B 293 16.18 -8.98 21.07
C ILE B 293 17.65 -9.04 21.44
N LYS B 294 18.29 -7.89 21.68
CA LYS B 294 19.74 -7.84 22.03
C LYS B 294 19.97 -8.69 23.29
N LYS B 295 19.10 -8.54 24.29
CA LYS B 295 19.21 -9.22 25.60
C LYS B 295 19.06 -10.73 25.42
N THR B 296 18.10 -11.16 24.60
CA THR B 296 17.86 -12.60 24.35
C THR B 296 19.08 -13.21 23.65
N LEU B 297 19.61 -12.56 22.61
CA LEU B 297 20.78 -13.03 21.83
C LEU B 297 22.04 -13.03 22.71
N THR B 298 22.14 -12.11 23.68
CA THR B 298 23.26 -12.09 24.65
C THR B 298 23.19 -13.36 25.50
N LYS B 299 22.00 -13.83 25.86
CA LYS B 299 21.78 -15.03 26.73
C LYS B 299 21.90 -16.35 25.94
N ILE B 300 21.58 -16.38 24.65
CA ILE B 300 21.65 -17.61 23.79
C ILE B 300 23.13 -17.97 23.59
N ASP B 301 23.42 -19.26 23.45
CA ASP B 301 24.72 -19.80 22.98
C ASP B 301 24.46 -21.08 22.17
C10 LU8 C . -21.65 -2.01 -19.85
C10 LU8 C . -21.79 -1.90 -19.61
C13 LU8 C . -25.12 -3.43 -19.05
C13 LU8 C . -25.30 -2.65 -18.45
C15 LU8 C . -26.55 -5.17 -20.14
C15 LU8 C . -27.14 -4.06 -19.29
C17 LU8 C . -28.21 -6.25 -21.81
C17 LU8 C . -29.27 -4.31 -20.58
C20 LU8 C . -27.34 -7.50 -19.77
C20 LU8 C . -28.91 -5.47 -18.43
C21 LU8 C . -26.12 -6.62 -20.04
C21 LU8 C . -27.39 -5.41 -18.62
C22 LU8 C . -24.31 -4.48 -21.05
C22 LU8 C . -24.89 -3.94 -20.44
C24 LU8 C . -21.54 -0.63 -19.61
C24 LU8 C . -21.58 -0.55 -19.31
C26 LU8 C . -20.42 1.94 -18.04
C26 LU8 C . -20.34 1.98 -17.83
C01 LU8 C . -17.71 3.99 -21.88
C01 LU8 C . -17.92 3.85 -21.82
C03 LU8 C . -19.04 3.55 -19.83
C03 LU8 C . -18.82 3.48 -19.59
C04 LU8 C . -19.28 2.18 -20.14
C04 LU8 C . -19.16 2.16 -19.90
C05 LU8 C . -19.99 1.39 -19.24
C05 LU8 C . -19.93 1.40 -19.02
C06 LU8 C . -20.25 -0.06 -19.51
C06 LU8 C . -20.29 -0.02 -19.35
C07 LU8 C . -19.13 -0.85 -19.68
C07 LU8 C . -19.25 -0.86 -19.74
C09 LU8 C . -20.47 -2.73 -20.00
C09 LU8 C . -20.70 -2.67 -19.99
C11 LU8 C . -22.93 -2.80 -19.94
C11 LU8 C . -23.15 -2.50 -19.56
C12 LU8 C . -23.95 -2.68 -18.98
C12 LU8 C . -24.01 -2.13 -18.53
C14 LU8 C . -25.32 -4.33 -20.09
C14 LU8 C . -25.73 -3.57 -19.39
C16 LU8 C . -27.43 -4.98 -21.36
C16 LU8 C . -27.75 -4.12 -20.68
C19 LU8 C . -29.71 -7.38 -20.25
C19 LU8 C . -31.07 -5.45 -19.48
C23 LU8 C . -23.14 -3.72 -20.97
C23 LU8 C . -23.60 -3.41 -20.52
C25 LU8 C . -22.79 0.20 -19.45
C25 LU8 C . -22.75 0.31 -18.91
C27 LU8 C . -20.20 3.29 -17.75
C27 LU8 C . -20.00 3.30 -17.52
C29 LU8 C . -21.35 3.21 -15.55
C29 LU8 C . -21.36 3.20 -15.54
C30 LU8 C . -19.52 4.09 -18.65
C30 LU8 C . -19.25 4.04 -18.40
C32 LU8 C . -18.16 5.72 -17.63
C32 LU8 C . -17.54 5.62 -18.06
N08 LU8 C . -19.26 -2.17 -19.90
N08 LU8 C . -19.47 -2.15 -20.02
N18 LU8 C . -28.35 -7.38 -20.84
N18 LU8 C . -29.62 -5.47 -19.73
O02 LU8 C . -18.37 4.39 -20.69
O02 LU8 C . -18.07 4.23 -20.45
O28 LU8 C . -20.61 3.89 -16.58
O28 LU8 C . -20.39 3.87 -16.35
O31 LU8 C . -19.31 5.42 -18.35
O31 LU8 C . -18.92 5.32 -18.10
C1 EDO D . -10.14 -2.83 -15.93
O1 EDO D . -9.98 -2.43 -14.62
C2 EDO D . -11.56 -3.15 -16.13
O2 EDO D . -12.01 -2.60 -17.32
C1 EDO E . -34.23 2.89 7.68
O1 EDO E . -35.47 2.16 7.53
C2 EDO E . -33.68 3.46 6.41
O2 EDO E . -33.93 2.72 5.18
C1 EDO F . -33.13 20.85 10.38
O1 EDO F . -32.66 20.52 11.68
C2 EDO F . -34.61 21.02 10.30
O2 EDO F . -35.19 20.44 9.14
C1 EDO G . -37.28 3.80 -3.83
O1 EDO G . -36.88 4.57 -2.66
C2 EDO G . -38.54 2.95 -3.78
O2 EDO G . -39.36 2.94 -2.57
S DMS H . -6.39 -5.23 -23.57
O DMS H . -5.17 -4.36 -23.54
C1 DMS H . -5.85 -6.81 -24.18
C2 DMS H . -6.70 -5.65 -21.88
C10 LU8 I . -3.00 3.72 -33.00
C13 LU8 I . 0.11 4.16 -30.89
C15 LU8 I . 2.50 4.73 -31.44
C17 LU8 I . 4.87 4.19 -31.91
C20 LU8 I . 4.33 6.29 -30.82
C21 LU8 I . 2.88 6.19 -31.28
C22 LU8 I . 0.65 4.56 -33.19
C24 LU8 I . -4.11 4.40 -32.50
C26 LU8 I . -6.67 6.06 -32.99
C01 LU8 I . -9.67 2.87 -30.32
C03 LU8 I . -8.83 4.71 -31.75
C04 LU8 I . -7.66 4.02 -32.07
C05 LU8 I . -6.60 4.72 -32.65
C06 LU8 I . -5.35 4.06 -33.05
C07 LU8 I . -5.47 3.13 -34.07
C09 LU8 I . -3.18 2.77 -34.02
C11 LU8 I . -1.62 3.96 -32.54
C12 LU8 I . -1.24 3.89 -31.21
C14 LU8 I . 1.07 4.50 -31.86
C16 LU8 I . 3.46 4.12 -32.46
C19 LU8 I . 6.67 5.68 -31.29
C23 LU8 I . -0.68 4.30 -33.52
C25 LU8 I . -3.97 5.41 -31.40
C27 LU8 I . -7.82 6.78 -32.67
C29 LU8 I . -6.79 8.91 -33.49
C30 LU8 I . -8.91 6.10 -32.05
C32 LU8 I . -11.20 6.65 -32.56
N08 LU8 I . -4.40 2.49 -34.52
N18 LU8 I . 5.26 5.60 -31.75
O02 LU8 I . -9.86 4.02 -31.15
O28 LU8 I . -7.90 8.13 -33.00
O31 LU8 I . -10.05 6.79 -31.73
C10 LU8 J . -0.04 0.62 -30.49
C13 LU8 J . 3.66 0.82 -29.68
C15 LU8 J . 4.93 2.14 -27.90
C17 LU8 J . 6.98 1.25 -26.82
C20 LU8 J . 6.97 3.58 -27.68
C21 LU8 J . 5.78 3.20 -28.58
C22 LU8 J . 2.46 2.26 -28.18
C24 LU8 J . -1.18 0.33 -29.77
C26 LU8 J . -4.28 0.76 -29.02
C01 LU8 J . -5.27 -4.24 -29.36
C03 LU8 J . -5.17 -1.85 -28.79
C04 LU8 J . -4.03 -1.59 -29.56
C05 LU8 J . -3.57 -0.28 -29.65
C06 LU8 J . -2.34 0.03 -30.44
C07 LU8 J . -2.37 0.02 -31.82
C09 LU8 J . -0.12 0.61 -31.85
C11 LU8 J . 1.26 0.99 -29.84
C12 LU8 J . 2.47 0.44 -30.31
C14 LU8 J . 3.67 1.74 -28.63
C16 LU8 J . 5.82 0.91 -27.73
C19 LU8 J . 8.79 2.75 -26.27
C23 LU8 J . 1.28 1.90 -28.80
C25 LU8 J . -1.20 0.31 -28.27
C27 LU8 J . -5.40 0.51 -28.26
C29 LU8 J . -5.89 2.86 -27.70
C30 LU8 J . -5.84 -0.82 -28.15
C32 LU8 J . -8.26 -1.16 -28.07
N08 LU8 J . -1.25 0.29 -32.48
N18 LU8 J . 7.79 2.40 -27.31
O02 LU8 J . -5.69 -3.09 -28.63
O28 LU8 J . -6.11 1.46 -27.58
O31 LU8 J . -6.97 -1.09 -27.43
S SO4 K . -14.65 -9.21 -18.26
O1 SO4 K . -13.53 -8.31 -18.20
O2 SO4 K . -14.37 -10.35 -17.43
O3 SO4 K . -15.83 -8.51 -17.81
O4 SO4 K . -14.90 -9.62 -19.61
S SO4 L . -35.68 -7.96 10.25
O1 SO4 L . -34.69 -8.02 11.32
O2 SO4 L . -35.58 -9.10 9.41
O3 SO4 L . -35.46 -6.77 9.49
O4 SO4 L . -37.00 -7.92 10.82
S SO4 M . -33.23 7.01 -7.85
O1 SO4 M . -32.20 7.05 -6.82
O2 SO4 M . -34.48 6.59 -7.24
O3 SO4 M . -32.89 6.07 -8.87
O4 SO4 M . -33.38 8.33 -8.41
C1 EDO N . -1.27 5.36 -11.64
O1 EDO N . -0.67 5.05 -10.41
C2 EDO N . -0.30 6.02 -12.53
O2 EDO N . -0.44 5.58 -13.86
C1 EDO O . 3.58 7.74 -36.17
O1 EDO O . 4.94 7.37 -35.98
C2 EDO O . 2.73 7.42 -34.99
O2 EDO O . 1.49 6.85 -35.32
C1 EDO P . -30.09 -18.57 11.76
O1 EDO P . -29.69 -18.72 13.12
C2 EDO P . -31.00 -17.40 11.50
O2 EDO P . -31.52 -17.35 10.18
C1 EDO Q . -29.57 8.54 -15.87
O1 EDO Q . -30.96 8.74 -16.00
C2 EDO Q . -28.91 9.66 -15.15
O2 EDO Q . -27.84 10.24 -15.88
C1 EDO R . -38.92 -5.85 1.59
O1 EDO R . -39.14 -4.82 2.53
C2 EDO R . -37.49 -6.21 1.35
O2 EDO R . -36.77 -6.62 2.52
C01 XJM S . -0.09 2.16 -3.64
C01 XJM S . -4.09 1.53 -2.43
C02 XJM S . -1.60 1.92 -3.50
C02 XJM S . -2.90 1.63 -3.39
N03 XJM S . -2.49 2.05 -4.46
N03 XJM S . -1.63 1.80 -3.06
N04 XJM S . -3.72 1.76 -3.94
N04 XJM S . -0.89 1.85 -4.21
N05 XJM S . -3.57 1.45 -2.64
N05 XJM S . -1.76 1.72 -5.26
N06 XJM S . -2.23 1.57 -2.39
N06 XJM S . -3.00 1.59 -4.70
C10 LU8 T . 30.90 -2.21 0.42
C13 LU8 T . 32.40 -4.85 -1.84
C15 LU8 T . 31.29 -6.72 -3.09
C17 LU8 T . 29.78 -8.68 -3.66
C20 LU8 T . 30.83 -7.38 -5.46
C21 LU8 T . 30.64 -6.30 -4.40
C22 LU8 T . 30.03 -5.18 -1.68
C24 LU8 T . 29.83 -1.33 0.36
C26 LU8 T . 27.37 0.31 1.53
C01 LU8 T . 29.47 4.90 1.07
C03 LU8 T . 27.94 3.00 1.37
C04 LU8 T . 28.98 2.06 1.28
C05 LU8 T . 28.71 0.71 1.36
C06 LU8 T . 29.78 -0.31 1.28
C07 LU8 T . 30.83 -0.22 2.22
C09 LU8 T . 31.87 -2.09 1.37
C11 LU8 T . 31.07 -3.38 -0.49
C12 LU8 T . 32.32 -3.74 -0.99
C14 LU8 T . 31.25 -5.56 -2.19
C16 LU8 T . 30.57 -7.96 -2.57
C19 LU8 T . 29.66 -9.47 -5.93
C23 LU8 T . 29.92 -4.11 -0.83
C25 LU8 T . 28.76 -1.45 -0.70
C27 LU8 T . 26.35 1.25 1.63
C29 LU8 T . 24.62 -0.49 1.72
C30 LU8 T . 26.64 2.60 1.53
C32 LU8 T . 25.22 4.01 2.84
N08 LU8 T . 31.82 -1.11 2.25
N18 LU8 T . 30.49 -8.72 -4.95
O02 LU8 T . 28.17 4.34 1.30
O28 LU8 T . 25.04 0.87 1.79
O31 LU8 T . 25.65 3.57 1.58
S SO4 U . 36.83 -4.17 8.44
O1 SO4 U . 37.98 -3.90 7.63
O2 SO4 U . 37.19 -5.18 9.41
O3 SO4 U . 36.38 -2.99 9.13
O4 SO4 U . 35.77 -4.66 7.55
C1 EDO V . 6.22 -19.42 3.26
O1 EDO V . 6.54 -20.48 2.27
C2 EDO V . 6.76 -18.03 3.01
O2 EDO V . 8.14 -17.91 2.59
S DMS W . 16.00 -7.93 32.17
O DMS W . 16.77 -8.61 31.07
C1 DMS W . 15.26 -6.49 31.46
C2 DMS W . 14.50 -8.87 32.40
C01 XJM X . 16.73 16.13 16.50
C02 XJM X . 15.38 15.42 16.36
N03 XJM X . 14.84 14.61 17.26
N04 XJM X . 13.65 14.19 16.76
N05 XJM X . 13.47 14.76 15.55
N06 XJM X . 14.57 15.52 15.32
S SO4 Y . 18.89 -1.36 -7.42
O1 SO4 Y . 20.00 -2.19 -7.01
O2 SO4 Y . 17.73 -1.71 -6.67
O3 SO4 Y . 18.64 -1.55 -8.82
O4 SO4 Y . 19.22 0.01 -7.16
S SO4 Z . 12.77 -2.83 -4.15
O1 SO4 Z . 14.12 -2.45 -3.81
O2 SO4 Z . 12.54 -4.18 -3.75
O3 SO4 Z . 11.85 -1.96 -3.47
O4 SO4 Z . 12.58 -2.71 -5.57
C1 EDO AA . 34.24 2.12 10.80
O1 EDO AA . 35.56 1.69 10.55
C2 EDO AA . 33.33 1.74 9.69
O2 EDO AA . 32.20 1.00 10.01
C1 EDO BA . -1.22 -11.29 15.12
O1 EDO BA . -0.47 -10.36 15.86
C2 EDO BA . -0.71 -12.69 15.27
O2 EDO BA . 0.34 -12.98 14.38
C1 EDO CA . 28.24 -28.33 5.76
O1 EDO CA . 28.46 -29.14 6.91
C2 EDO CA . 27.28 -28.89 4.76
O2 EDO CA . 26.22 -29.65 5.31
#